data_3WGY
#
_entry.id   3WGY
#
_cell.length_a   47.191
_cell.length_b   135.536
_cell.length_c   60.792
_cell.angle_alpha   90.000
_cell.angle_beta   110.540
_cell.angle_gamma   90.000
#
_symmetry.space_group_name_H-M   'P 1 21 1'
#
loop_
_entity.id
_entity.type
_entity.pdbx_description
1 polymer 'Meso-diaminopimelate dehydrogenase'
2 non-polymer '2-OXO-4-METHYLPENTANOIC ACID'
3 water water
#
_entity_poly.entity_id   1
_entity_poly.type   'polypeptide(L)'
_entity_poly.pdbx_seq_one_letter_code
;MNSKIRIGIVGYGNIGKGVEKAIKQNDDMELEAIFTRRDINKVDSNNSKLVHISRLELYKDTVDVMILCGGSATDLVEQG
PMIASQFNTVDSFDNHGRIPQHFERMDEISKKAGNISLISTGWDPGLFSLNRLLGESILPKGKTHTFWGKGVSLGHSDAI
RRVQGVKNGIQYIIPIKGALDKARSGEQCDFTTREKHEMVCYVVPEENADLKKIEQDIKTMPDYFADYNTTVHFITEEEL
KLNHAGLSNGGFVIRSGNTQGGAKQVMEFNLNLESSAEFTSSVLVAYSRAIYKLSKEGKKGAVTVLDIPFSYLSPKTPEE
LRKELL
;
_entity_poly.pdbx_strand_id   A,B
#
# COMPACT_ATOMS: atom_id res chain seq x y z
N LYS A 4 -3.20 15.71 -22.37
CA LYS A 4 -2.94 15.07 -23.68
C LYS A 4 -3.68 13.73 -23.78
N ILE A 5 -3.79 13.03 -22.66
CA ILE A 5 -4.51 11.76 -22.64
C ILE A 5 -5.99 12.12 -22.75
N ARG A 6 -6.65 11.60 -23.77
CA ARG A 6 -8.06 11.87 -23.99
C ARG A 6 -8.98 10.95 -23.20
N ILE A 7 -9.68 11.52 -22.23
CA ILE A 7 -10.56 10.72 -21.39
C ILE A 7 -12.02 10.86 -21.74
N GLY A 8 -12.73 9.76 -21.67
CA GLY A 8 -14.15 9.78 -21.94
C GLY A 8 -14.81 9.33 -20.65
N ILE A 9 -15.80 10.07 -20.18
CA ILE A 9 -16.48 9.67 -18.95
C ILE A 9 -17.83 9.06 -19.30
N VAL A 10 -18.08 7.84 -18.85
CA VAL A 10 -19.35 7.18 -19.13
C VAL A 10 -20.18 7.17 -17.84
N GLY A 11 -21.22 8.01 -17.80
CA GLY A 11 -22.06 8.07 -16.61
C GLY A 11 -21.77 9.34 -15.85
N TYR A 12 -22.83 10.07 -15.48
CA TYR A 12 -22.63 11.33 -14.78
C TYR A 12 -23.25 11.37 -13.39
N GLY A 13 -23.09 10.28 -12.64
CA GLY A 13 -23.60 10.22 -11.28
C GLY A 13 -22.50 10.80 -10.41
N ASN A 14 -22.49 10.47 -9.13
CA ASN A 14 -21.45 11.00 -8.25
C ASN A 14 -20.02 10.65 -8.68
N ILE A 15 -19.80 9.44 -9.18
CA ILE A 15 -18.44 9.07 -9.59
C ILE A 15 -18.03 9.83 -10.85
N GLY A 16 -18.94 9.89 -11.83
CA GLY A 16 -18.68 10.61 -13.06
C GLY A 16 -18.38 12.05 -12.75
N LYS A 17 -19.19 12.66 -11.89
CA LYS A 17 -18.97 14.06 -11.50
C LYS A 17 -17.57 14.18 -10.87
N GLY A 18 -17.26 13.26 -9.97
CA GLY A 18 -15.97 13.29 -9.32
C GLY A 18 -14.83 13.12 -10.31
N VAL A 19 -15.03 12.29 -11.33
CA VAL A 19 -13.99 12.09 -12.33
C VAL A 19 -13.74 13.36 -13.12
N GLU A 20 -14.82 14.07 -13.44
CA GLU A 20 -14.71 15.32 -14.19
C GLU A 20 -13.78 16.30 -13.45
N LYS A 21 -14.01 16.47 -12.16
CA LYS A 21 -13.17 17.38 -11.39
C LYS A 21 -11.76 16.84 -11.19
N ALA A 22 -11.64 15.55 -10.95
CA ALA A 22 -10.33 14.95 -10.76
C ALA A 22 -9.47 15.15 -11.99
N ILE A 23 -10.07 15.09 -13.18
CA ILE A 23 -9.30 15.26 -14.40
C ILE A 23 -8.63 16.64 -14.43
N LYS A 24 -9.33 17.63 -13.88
CA LYS A 24 -8.80 18.99 -13.82
C LYS A 24 -7.54 19.07 -12.96
N GLN A 25 -7.37 18.11 -12.06
CA GLN A 25 -6.20 18.09 -11.19
C GLN A 25 -5.01 17.43 -11.90
N ASN A 26 -5.21 17.03 -13.14
CA ASN A 26 -4.17 16.35 -13.93
C ASN A 26 -3.85 17.03 -15.26
N ASP A 27 -2.78 17.81 -15.25
CA ASP A 27 -2.32 18.55 -16.42
C ASP A 27 -2.12 17.73 -17.69
N ASP A 28 -1.76 16.46 -17.56
CA ASP A 28 -1.55 15.62 -18.73
C ASP A 28 -2.82 14.97 -19.27
N MET A 29 -3.97 15.42 -18.78
CA MET A 29 -5.23 14.85 -19.23
C MET A 29 -6.24 15.86 -19.75
N GLU A 30 -7.14 15.38 -20.59
CA GLU A 30 -8.17 16.21 -21.19
C GLU A 30 -9.46 15.43 -21.27
N LEU A 31 -10.56 16.09 -20.93
CA LEU A 31 -11.88 15.47 -20.98
C LEU A 31 -12.52 15.70 -22.35
N GLU A 32 -12.71 14.62 -23.09
CA GLU A 32 -13.30 14.69 -24.43
C GLU A 32 -14.82 14.86 -24.38
N ALA A 33 -15.47 14.07 -23.52
CA ALA A 33 -16.92 14.13 -23.39
C ALA A 33 -17.41 13.30 -22.23
N ILE A 34 -18.63 13.59 -21.80
CA ILE A 34 -19.29 12.87 -20.71
C ILE A 34 -20.51 12.20 -21.36
N PHE A 35 -20.56 10.88 -21.29
CA PHE A 35 -21.65 10.13 -21.91
C PHE A 35 -22.76 9.75 -20.95
N THR A 36 -23.96 10.25 -21.21
CA THR A 36 -25.15 10.02 -20.38
C THR A 36 -26.21 9.18 -21.07
N ARG A 37 -27.01 8.49 -20.27
CA ARG A 37 -28.08 7.67 -20.81
C ARG A 37 -29.41 8.44 -20.68
N ARG A 38 -29.32 9.70 -20.26
CA ARG A 38 -30.50 10.54 -20.11
C ARG A 38 -31.08 10.79 -21.52
N ASP A 39 -32.40 10.78 -21.66
CA ASP A 39 -33.04 11.01 -22.95
C ASP A 39 -32.59 12.36 -23.51
N ILE A 40 -32.79 12.56 -24.81
CA ILE A 40 -32.42 13.85 -25.41
C ILE A 40 -33.42 14.84 -24.83
N ASN A 41 -34.07 14.39 -23.76
CA ASN A 41 -35.07 15.16 -23.01
C ASN A 41 -34.27 16.19 -22.24
N LYS A 42 -33.83 17.21 -22.95
CA LYS A 42 -33.03 18.25 -22.35
C LYS A 42 -33.27 19.64 -22.94
N VAL A 43 -32.64 20.63 -22.32
CA VAL A 43 -32.71 22.02 -22.77
C VAL A 43 -31.40 22.24 -23.51
N ASP A 44 -31.25 21.55 -24.64
CA ASP A 44 -30.02 21.60 -25.44
C ASP A 44 -29.05 20.79 -24.60
N SER A 45 -29.51 20.47 -23.40
CA SER A 45 -28.79 19.70 -22.38
C SER A 45 -29.07 20.37 -21.04
N ASN A 46 -28.54 21.57 -20.91
CA ASN A 46 -28.60 22.42 -19.72
C ASN A 46 -27.19 22.98 -19.84
N ASN A 47 -26.59 22.66 -20.99
CA ASN A 47 -25.22 23.01 -21.36
C ASN A 47 -24.18 22.22 -20.57
N SER A 48 -23.17 21.69 -21.28
CA SER A 48 -22.12 20.92 -20.63
C SER A 48 -21.27 20.11 -21.62
N LYS A 49 -20.54 19.15 -21.08
CA LYS A 49 -19.67 18.28 -21.86
C LYS A 49 -20.48 17.00 -22.08
N LEU A 50 -21.74 17.03 -21.67
CA LEU A 50 -22.64 15.89 -21.78
C LEU A 50 -23.05 15.56 -23.21
N VAL A 51 -22.96 14.28 -23.54
CA VAL A 51 -23.30 13.77 -24.87
C VAL A 51 -24.09 12.49 -24.67
N HIS A 52 -25.11 12.28 -25.48
CA HIS A 52 -25.92 11.08 -25.35
C HIS A 52 -25.09 9.82 -25.65
N ILE A 53 -25.34 8.78 -24.87
CA ILE A 53 -24.64 7.51 -24.99
C ILE A 53 -24.69 6.92 -26.41
N SER A 54 -25.73 7.28 -27.16
CA SER A 54 -25.88 6.75 -28.51
C SER A 54 -24.78 7.24 -29.43
N ARG A 55 -24.13 8.33 -29.04
CA ARG A 55 -23.04 8.91 -29.84
C ARG A 55 -21.64 8.42 -29.46
N LEU A 56 -21.56 7.53 -28.47
CA LEU A 56 -20.28 7.01 -28.02
C LEU A 56 -19.43 6.50 -29.19
N GLU A 57 -20.07 5.75 -30.08
CA GLU A 57 -19.38 5.19 -31.23
C GLU A 57 -18.68 6.23 -32.10
N LEU A 58 -19.23 7.44 -32.17
CA LEU A 58 -18.64 8.48 -33.00
C LEU A 58 -17.29 8.96 -32.48
N TYR A 59 -16.98 8.60 -31.24
CA TYR A 59 -15.72 9.03 -30.65
C TYR A 59 -14.56 8.08 -30.87
N LYS A 60 -14.72 7.12 -31.78
CA LYS A 60 -13.64 6.20 -32.04
C LYS A 60 -12.45 6.98 -32.56
N ASP A 61 -11.27 6.69 -32.00
CA ASP A 61 -10.04 7.36 -32.35
C ASP A 61 -9.97 8.83 -31.96
N THR A 62 -10.63 9.16 -30.86
CA THR A 62 -10.63 10.51 -30.31
C THR A 62 -10.63 10.40 -28.78
N VAL A 63 -10.79 9.17 -28.28
CA VAL A 63 -10.77 8.91 -26.84
C VAL A 63 -9.80 7.78 -26.58
N ASP A 64 -8.87 8.01 -25.64
CA ASP A 64 -7.86 7.02 -25.30
C ASP A 64 -8.31 6.03 -24.21
N VAL A 65 -9.10 6.51 -23.25
CA VAL A 65 -9.59 5.65 -22.20
C VAL A 65 -10.99 6.07 -21.80
N MET A 66 -11.89 5.09 -21.70
CA MET A 66 -13.26 5.35 -21.28
C MET A 66 -13.36 4.92 -19.83
N ILE A 67 -13.59 5.88 -18.93
CA ILE A 67 -13.74 5.54 -17.53
C ILE A 67 -15.22 5.30 -17.24
N LEU A 68 -15.58 4.05 -17.00
CA LEU A 68 -16.97 3.71 -16.71
C LEU A 68 -17.24 4.08 -15.26
N CYS A 69 -18.07 5.08 -15.06
CA CYS A 69 -18.35 5.55 -13.71
C CYS A 69 -19.59 4.99 -13.10
N GLY A 70 -20.25 4.10 -13.83
CA GLY A 70 -21.46 3.49 -13.31
C GLY A 70 -21.20 2.85 -11.96
N GLY A 71 -22.10 3.10 -11.01
CA GLY A 71 -21.94 2.53 -9.69
C GLY A 71 -22.64 1.18 -9.58
N SER A 72 -23.31 0.77 -10.65
CA SER A 72 -24.02 -0.51 -10.68
C SER A 72 -23.23 -1.64 -11.30
N ALA A 73 -22.82 -2.60 -10.48
CA ALA A 73 -22.06 -3.73 -10.99
C ALA A 73 -22.93 -4.59 -11.91
N THR A 74 -24.23 -4.60 -11.66
CA THR A 74 -25.16 -5.38 -12.48
C THR A 74 -25.21 -4.84 -13.91
N ASP A 75 -25.25 -3.52 -14.05
CA ASP A 75 -25.30 -2.91 -15.38
C ASP A 75 -23.97 -3.08 -16.11
N LEU A 76 -22.87 -3.02 -15.37
CA LEU A 76 -21.54 -3.17 -15.94
C LEU A 76 -21.37 -4.52 -16.61
N VAL A 77 -22.06 -5.53 -16.08
CA VAL A 77 -21.99 -6.87 -16.65
C VAL A 77 -22.12 -6.79 -18.16
N GLU A 78 -23.13 -6.08 -18.65
CA GLU A 78 -23.35 -5.95 -20.09
C GLU A 78 -22.75 -4.70 -20.72
N GLN A 79 -22.81 -3.58 -20.01
CA GLN A 79 -22.30 -2.33 -20.54
C GLN A 79 -20.77 -2.32 -20.69
N GLY A 80 -20.08 -2.90 -19.72
CA GLY A 80 -18.63 -2.94 -19.80
C GLY A 80 -18.16 -3.57 -21.10
N PRO A 81 -18.60 -4.80 -21.39
CA PRO A 81 -18.23 -5.51 -22.62
C PRO A 81 -18.50 -4.69 -23.88
N MET A 82 -19.65 -4.03 -23.92
CA MET A 82 -20.02 -3.23 -25.08
C MET A 82 -19.01 -2.13 -25.35
N ILE A 83 -18.57 -1.45 -24.29
CA ILE A 83 -17.61 -0.37 -24.44
C ILE A 83 -16.22 -0.91 -24.76
N ALA A 84 -15.83 -1.98 -24.06
CA ALA A 84 -14.52 -2.60 -24.24
C ALA A 84 -14.26 -3.06 -25.68
N SER A 85 -15.33 -3.37 -26.41
CA SER A 85 -15.22 -3.80 -27.79
C SER A 85 -14.82 -2.62 -28.66
N GLN A 86 -14.96 -1.41 -28.10
CA GLN A 86 -14.66 -0.20 -28.84
C GLN A 86 -13.54 0.66 -28.26
N PHE A 87 -13.36 0.62 -26.95
CA PHE A 87 -12.32 1.45 -26.33
C PHE A 87 -11.64 0.78 -25.14
N ASN A 88 -10.48 1.31 -24.79
CA ASN A 88 -9.76 0.83 -23.61
C ASN A 88 -10.71 1.28 -22.49
N THR A 89 -10.83 0.49 -21.43
CA THR A 89 -11.74 0.87 -20.37
C THR A 89 -11.15 0.71 -18.98
N VAL A 90 -11.76 1.40 -18.04
CA VAL A 90 -11.40 1.35 -16.64
C VAL A 90 -12.73 1.41 -15.88
N ASP A 91 -12.94 0.48 -14.97
CA ASP A 91 -14.19 0.47 -14.20
C ASP A 91 -13.91 0.14 -12.74
N SER A 92 -14.95 0.24 -11.91
CA SER A 92 -14.79 -0.05 -10.51
C SER A 92 -15.78 -1.13 -10.08
N PHE A 93 -15.98 -2.12 -10.94
CA PHE A 93 -16.88 -3.24 -10.67
C PHE A 93 -16.64 -3.62 -9.21
N ASP A 94 -17.63 -3.42 -8.35
CA ASP A 94 -17.43 -3.70 -6.93
C ASP A 94 -18.01 -4.98 -6.33
N ASN A 95 -18.64 -5.83 -7.13
CA ASN A 95 -19.18 -7.07 -6.60
C ASN A 95 -18.07 -8.13 -6.60
N HIS A 96 -17.45 -8.30 -5.42
CA HIS A 96 -16.33 -9.24 -5.27
C HIS A 96 -16.63 -10.65 -5.76
N GLY A 97 -17.78 -11.20 -5.38
CA GLY A 97 -18.11 -12.54 -5.81
C GLY A 97 -18.20 -12.73 -7.32
N ARG A 98 -18.49 -11.66 -8.05
CA ARG A 98 -18.62 -11.78 -9.50
C ARG A 98 -17.43 -11.26 -10.30
N ILE A 99 -16.38 -10.83 -9.61
CA ILE A 99 -15.20 -10.32 -10.28
C ILE A 99 -14.62 -11.31 -11.29
N PRO A 100 -14.47 -12.58 -10.87
CA PRO A 100 -13.91 -13.58 -11.78
C PRO A 100 -14.66 -13.60 -13.12
N GLN A 101 -16.00 -13.57 -13.05
CA GLN A 101 -16.81 -13.58 -14.28
C GLN A 101 -16.61 -12.31 -15.07
N HIS A 102 -16.66 -11.16 -14.39
CA HIS A 102 -16.47 -9.89 -15.07
C HIS A 102 -15.11 -9.88 -15.78
N PHE A 103 -14.08 -10.36 -15.08
CA PHE A 103 -12.74 -10.41 -15.65
C PHE A 103 -12.70 -11.23 -16.94
N GLU A 104 -13.25 -12.44 -16.89
CA GLU A 104 -13.26 -13.32 -18.06
C GLU A 104 -13.95 -12.67 -19.25
N ARG A 105 -15.16 -12.15 -19.02
CA ARG A 105 -15.92 -11.50 -20.06
C ARG A 105 -15.21 -10.29 -20.65
N MET A 106 -14.70 -9.40 -19.79
CA MET A 106 -14.00 -8.21 -20.29
C MET A 106 -12.71 -8.61 -21.01
N ASP A 107 -12.06 -9.64 -20.49
CA ASP A 107 -10.81 -10.12 -21.08
C ASP A 107 -11.08 -10.62 -22.50
N GLU A 108 -12.07 -11.49 -22.64
CA GLU A 108 -12.41 -12.04 -23.95
C GLU A 108 -12.67 -10.90 -24.93
N ILE A 109 -13.51 -9.96 -24.51
CA ILE A 109 -13.88 -8.83 -25.37
C ILE A 109 -12.73 -7.90 -25.74
N SER A 110 -12.01 -7.40 -24.75
CA SER A 110 -10.91 -6.49 -25.02
C SER A 110 -9.84 -7.13 -25.89
N LYS A 111 -9.51 -8.38 -25.60
CA LYS A 111 -8.48 -9.09 -26.39
C LYS A 111 -8.86 -9.07 -27.86
N LYS A 112 -10.06 -9.52 -28.17
CA LYS A 112 -10.54 -9.57 -29.55
C LYS A 112 -10.52 -8.21 -30.24
N ALA A 113 -10.72 -7.15 -29.47
CA ALA A 113 -10.75 -5.80 -30.03
C ALA A 113 -9.39 -5.11 -29.98
N GLY A 114 -8.41 -5.80 -29.41
CA GLY A 114 -7.07 -5.22 -29.30
C GLY A 114 -6.99 -4.07 -28.32
N ASN A 115 -7.89 -4.07 -27.33
CA ASN A 115 -7.92 -3.03 -26.31
C ASN A 115 -7.54 -3.61 -24.95
N ILE A 116 -7.40 -2.73 -23.96
CA ILE A 116 -7.05 -3.15 -22.61
C ILE A 116 -8.16 -2.70 -21.66
N SER A 117 -8.55 -3.58 -20.74
CA SER A 117 -9.62 -3.26 -19.80
C SER A 117 -9.23 -3.49 -18.34
N LEU A 118 -9.11 -2.40 -17.59
CA LEU A 118 -8.82 -2.50 -16.17
C LEU A 118 -10.15 -2.63 -15.46
N ILE A 119 -10.34 -3.71 -14.73
CA ILE A 119 -11.59 -3.89 -13.98
C ILE A 119 -11.37 -3.78 -12.49
N SER A 120 -12.45 -3.49 -11.78
CA SER A 120 -12.43 -3.44 -10.32
C SER A 120 -11.38 -2.58 -9.60
N THR A 121 -11.17 -1.35 -10.04
CA THR A 121 -10.24 -0.49 -9.31
C THR A 121 -11.10 0.42 -8.43
N GLY A 122 -10.48 1.18 -7.53
CA GLY A 122 -11.22 2.04 -6.62
C GLY A 122 -10.55 1.84 -5.26
N TRP A 123 -11.26 2.00 -4.15
CA TRP A 123 -10.57 1.76 -2.88
C TRP A 123 -10.76 0.33 -2.37
N ASP A 124 -11.89 -0.29 -2.71
CA ASP A 124 -12.13 -1.71 -2.38
C ASP A 124 -13.33 -2.16 -3.18
N PRO A 125 -13.11 -2.93 -4.26
CA PRO A 125 -11.80 -3.39 -4.78
C PRO A 125 -10.86 -2.26 -5.19
N GLY A 126 -9.56 -2.56 -5.22
CA GLY A 126 -8.56 -1.57 -5.59
C GLY A 126 -7.46 -1.43 -4.56
N LEU A 127 -7.31 -0.23 -4.01
CA LEU A 127 -6.26 0.01 -3.03
C LEU A 127 -6.22 -1.01 -1.89
N PHE A 128 -7.37 -1.36 -1.34
CA PHE A 128 -7.42 -2.32 -0.25
C PHE A 128 -6.96 -3.69 -0.74
N SER A 129 -7.30 -4.03 -1.97
CA SER A 129 -6.92 -5.33 -2.56
C SER A 129 -5.40 -5.40 -2.63
N LEU A 130 -4.78 -4.32 -3.09
CA LEU A 130 -3.34 -4.24 -3.20
C LEU A 130 -2.70 -4.43 -1.84
N ASN A 131 -3.27 -3.82 -0.82
CA ASN A 131 -2.67 -3.96 0.50
C ASN A 131 -2.91 -5.31 1.15
N ARG A 132 -3.99 -5.97 0.74
CA ARG A 132 -4.26 -7.30 1.27
C ARG A 132 -3.18 -8.21 0.67
N LEU A 133 -2.91 -8.04 -0.62
CA LEU A 133 -1.89 -8.84 -1.29
C LEU A 133 -0.50 -8.54 -0.71
N LEU A 134 -0.18 -7.26 -0.56
CA LEU A 134 1.11 -6.87 -0.01
C LEU A 134 1.29 -7.51 1.37
N GLY A 135 0.28 -7.39 2.22
CA GLY A 135 0.38 -7.96 3.55
C GLY A 135 0.67 -9.46 3.54
N GLU A 136 -0.07 -10.18 2.71
CA GLU A 136 0.08 -11.63 2.58
C GLU A 136 1.44 -12.07 2.03
N SER A 137 2.00 -11.27 1.14
CA SER A 137 3.27 -11.60 0.52
C SER A 137 4.45 -11.30 1.41
N ILE A 138 4.38 -10.17 2.10
CA ILE A 138 5.44 -9.76 3.00
C ILE A 138 5.49 -10.64 4.25
N LEU A 139 4.31 -10.88 4.82
CA LEU A 139 4.18 -11.70 6.02
C LEU A 139 3.26 -12.89 5.73
N PRO A 140 3.79 -13.90 5.04
CA PRO A 140 3.01 -15.11 4.70
C PRO A 140 2.44 -15.80 5.92
N LYS A 141 3.08 -15.62 7.08
CA LYS A 141 2.60 -16.24 8.30
C LYS A 141 1.92 -15.16 9.16
N GLY A 142 0.62 -15.00 8.95
CA GLY A 142 -0.10 -14.00 9.70
C GLY A 142 -1.57 -13.98 9.37
N LYS A 143 -2.23 -12.88 9.72
CA LYS A 143 -3.65 -12.73 9.50
C LYS A 143 -3.94 -11.36 8.92
N THR A 144 -4.88 -11.31 7.97
CA THR A 144 -5.27 -10.05 7.36
C THR A 144 -6.67 -9.68 7.84
N HIS A 145 -6.85 -8.42 8.22
CA HIS A 145 -8.16 -7.96 8.68
C HIS A 145 -8.52 -6.66 7.96
N THR A 146 -9.66 -6.68 7.28
CA THR A 146 -10.15 -5.50 6.58
C THR A 146 -11.37 -4.98 7.32
N PHE A 147 -11.41 -3.66 7.50
CA PHE A 147 -12.54 -3.02 8.16
C PHE A 147 -12.98 -1.90 7.23
N TRP A 148 -14.14 -1.50 7.15
CA TRP A 148 -14.61 -0.40 6.33
C TRP A 148 -15.13 0.67 7.28
N GLY A 149 -14.35 1.75 7.38
CA GLY A 149 -14.65 2.87 8.25
C GLY A 149 -16.10 3.26 8.19
N LYS A 150 -16.51 4.17 9.07
CA LYS A 150 -17.90 4.61 9.11
C LYS A 150 -18.32 5.25 7.79
N GLY A 151 -19.40 4.63 7.12
CA GLY A 151 -20.01 5.41 6.07
C GLY A 151 -21.03 4.51 5.44
N VAL A 152 -21.65 4.96 4.36
CA VAL A 152 -22.67 4.17 3.68
C VAL A 152 -22.10 2.89 3.08
N SER A 153 -22.96 1.90 2.90
CA SER A 153 -22.59 0.62 2.31
C SER A 153 -23.31 0.46 0.97
N LEU A 154 -24.18 1.42 0.67
CA LEU A 154 -24.96 1.47 -0.56
C LEU A 154 -25.78 0.22 -0.89
N GLY A 155 -25.10 -0.89 -1.12
CA GLY A 155 -25.80 -2.13 -1.44
C GLY A 155 -26.87 -2.45 -0.40
N HIS A 156 -26.51 -2.26 0.86
CA HIS A 156 -27.42 -2.54 1.97
C HIS A 156 -28.49 -1.45 2.09
N SER A 157 -28.26 -0.31 1.45
CA SER A 157 -29.24 0.76 1.48
C SER A 157 -30.39 0.34 0.58
N ASP A 158 -30.05 -0.27 -0.55
CA ASP A 158 -31.06 -0.73 -1.50
C ASP A 158 -31.63 -2.04 -0.98
N ALA A 159 -30.83 -2.79 -0.23
CA ALA A 159 -31.26 -4.05 0.32
C ALA A 159 -32.46 -3.81 1.24
N ILE A 160 -32.30 -2.89 2.19
CA ILE A 160 -33.38 -2.58 3.11
C ILE A 160 -34.57 -2.03 2.32
N ARG A 161 -34.29 -1.43 1.16
CA ARG A 161 -35.36 -0.87 0.31
C ARG A 161 -36.26 -1.97 -0.26
N ARG A 162 -35.97 -3.22 0.11
CA ARG A 162 -36.77 -4.34 -0.36
C ARG A 162 -37.73 -4.84 0.71
N VAL A 163 -37.54 -4.34 1.93
CA VAL A 163 -38.40 -4.72 3.05
C VAL A 163 -39.75 -4.05 2.83
N GLN A 164 -40.83 -4.82 2.89
CA GLN A 164 -42.13 -4.22 2.69
C GLN A 164 -42.43 -3.25 3.82
N GLY A 165 -42.78 -2.03 3.43
CA GLY A 165 -43.08 -1.00 4.41
C GLY A 165 -42.04 0.10 4.40
N VAL A 166 -40.89 -0.14 3.78
CA VAL A 166 -39.83 0.88 3.73
C VAL A 166 -39.87 1.65 2.41
N LYS A 167 -40.12 2.95 2.51
CA LYS A 167 -40.19 3.81 1.34
C LYS A 167 -38.81 4.28 0.90
N ASN A 168 -37.97 4.63 1.87
CA ASN A 168 -36.62 5.09 1.60
C ASN A 168 -35.78 4.92 2.85
N GLY A 169 -34.46 4.80 2.70
CA GLY A 169 -33.62 4.64 3.87
C GLY A 169 -32.14 4.61 3.58
N ILE A 170 -31.33 4.62 4.64
CA ILE A 170 -29.88 4.60 4.49
C ILE A 170 -29.28 3.71 5.59
N GLN A 171 -28.17 3.06 5.27
CA GLN A 171 -27.51 2.21 6.25
C GLN A 171 -26.02 2.48 6.32
N TYR A 172 -25.48 2.40 7.53
CA TYR A 172 -24.07 2.65 7.79
C TYR A 172 -23.40 1.41 8.37
N ILE A 173 -22.13 1.22 8.05
CA ILE A 173 -21.37 0.12 8.60
C ILE A 173 -20.35 0.85 9.48
N ILE A 174 -20.10 0.34 10.67
CA ILE A 174 -19.17 1.02 11.58
C ILE A 174 -18.23 0.05 12.27
N PRO A 175 -16.90 0.21 12.07
CA PRO A 175 -15.93 -0.67 12.70
C PRO A 175 -16.03 -0.60 14.23
N ILE A 176 -15.73 -1.70 14.89
CA ILE A 176 -15.78 -1.77 16.34
C ILE A 176 -14.37 -1.57 16.87
N LYS A 177 -14.17 -0.43 17.54
CA LYS A 177 -12.88 -0.04 18.11
C LYS A 177 -12.11 -1.21 18.73
N GLY A 178 -12.80 -1.99 19.54
CA GLY A 178 -12.15 -3.12 20.18
C GLY A 178 -11.49 -4.07 19.20
N ALA A 179 -12.21 -4.40 18.12
CA ALA A 179 -11.67 -5.30 17.11
C ALA A 179 -10.50 -4.65 16.40
N LEU A 180 -10.66 -3.36 16.08
CA LEU A 180 -9.62 -2.62 15.39
C LEU A 180 -8.33 -2.61 16.22
N ASP A 181 -8.43 -2.26 17.50
CA ASP A 181 -7.27 -2.22 18.37
C ASP A 181 -6.60 -3.58 18.50
N LYS A 182 -7.40 -4.63 18.61
CA LYS A 182 -6.83 -5.98 18.73
C LYS A 182 -6.05 -6.31 17.47
N ALA A 183 -6.62 -5.98 16.31
CA ALA A 183 -5.97 -6.25 15.04
C ALA A 183 -4.59 -5.61 15.01
N ARG A 184 -4.51 -4.38 15.51
CA ARG A 184 -3.26 -3.63 15.54
C ARG A 184 -2.23 -4.10 16.55
N SER A 185 -2.70 -4.72 17.63
CA SER A 185 -1.83 -5.21 18.68
C SER A 185 -0.76 -6.17 18.19
N GLY A 186 -1.13 -6.97 17.19
CA GLY A 186 -0.19 -7.95 16.67
C GLY A 186 -0.37 -9.26 17.41
N GLU A 187 -1.38 -9.31 18.27
CA GLU A 187 -1.69 -10.50 19.05
C GLU A 187 -2.26 -11.59 18.17
N GLN A 188 -2.82 -11.18 17.03
CA GLN A 188 -3.40 -12.10 16.06
C GLN A 188 -4.57 -12.90 16.65
N CYS A 189 -5.56 -13.19 15.81
CA CYS A 189 -6.75 -13.92 16.25
C CYS A 189 -7.81 -13.92 15.14
N ASP A 190 -8.93 -14.59 15.40
CA ASP A 190 -10.04 -14.64 14.45
C ASP A 190 -11.20 -13.85 15.01
N PHE A 191 -11.85 -13.06 14.17
CA PHE A 191 -12.99 -12.27 14.61
C PHE A 191 -14.22 -12.77 13.86
N THR A 192 -15.37 -12.75 14.51
CA THR A 192 -16.60 -13.14 13.85
C THR A 192 -17.06 -11.86 13.18
N THR A 193 -17.93 -11.98 12.18
CA THR A 193 -18.44 -10.81 11.48
C THR A 193 -18.99 -9.80 12.48
N ARG A 194 -19.71 -10.31 13.48
CA ARG A 194 -20.33 -9.50 14.53
C ARG A 194 -19.33 -8.77 15.42
N GLU A 195 -18.13 -9.33 15.57
CA GLU A 195 -17.10 -8.69 16.41
C GLU A 195 -16.35 -7.56 15.71
N LYS A 196 -16.46 -7.50 14.39
CA LYS A 196 -15.73 -6.49 13.61
C LYS A 196 -16.49 -5.20 13.25
N HIS A 197 -17.76 -5.35 12.86
CA HIS A 197 -18.57 -4.21 12.46
C HIS A 197 -19.99 -4.27 13.02
N GLU A 198 -20.59 -3.09 13.18
CA GLU A 198 -21.98 -3.02 13.60
C GLU A 198 -22.68 -2.26 12.49
N MET A 199 -23.99 -2.42 12.40
CA MET A 199 -24.78 -1.76 11.36
C MET A 199 -25.85 -0.85 11.95
N VAL A 200 -25.98 0.35 11.39
CA VAL A 200 -26.96 1.31 11.86
C VAL A 200 -27.77 1.77 10.66
N CYS A 201 -29.09 1.61 10.74
CA CYS A 201 -29.98 2.00 9.64
C CYS A 201 -30.93 3.14 10.03
N TYR A 202 -31.32 3.90 9.01
CA TYR A 202 -32.28 4.99 9.19
C TYR A 202 -33.32 4.74 8.12
N VAL A 203 -34.54 4.46 8.55
CA VAL A 203 -35.62 4.13 7.65
C VAL A 203 -36.80 5.10 7.60
N VAL A 204 -37.16 5.50 6.37
CA VAL A 204 -38.31 6.37 6.13
C VAL A 204 -39.31 5.29 5.74
N PRO A 205 -40.23 4.94 6.65
CA PRO A 205 -41.23 3.90 6.40
C PRO A 205 -42.60 4.23 5.83
N GLU A 206 -43.39 3.15 5.76
CA GLU A 206 -44.79 3.16 5.35
C GLU A 206 -45.21 3.19 3.90
N GLU A 207 -46.36 2.54 3.68
CA GLU A 207 -47.05 2.43 2.40
C GLU A 207 -48.51 2.53 2.86
N ASN A 208 -48.67 2.53 4.20
CA ASN A 208 -49.96 2.62 4.89
C ASN A 208 -49.66 2.99 6.35
N ALA A 209 -48.58 3.73 6.58
CA ALA A 209 -48.19 4.06 7.95
C ALA A 209 -47.87 2.69 8.55
N ASP A 210 -47.31 1.86 7.67
CA ASP A 210 -46.92 0.47 7.90
C ASP A 210 -46.46 0.02 9.28
N LEU A 211 -46.29 -1.30 9.39
CA LEU A 211 -45.87 -1.97 10.62
C LEU A 211 -44.37 -1.81 10.84
N LYS A 212 -44.01 -1.08 11.90
CA LYS A 212 -42.61 -0.81 12.23
C LYS A 212 -41.86 -1.96 12.90
N LYS A 213 -42.55 -2.69 13.77
CA LYS A 213 -41.94 -3.82 14.45
C LYS A 213 -41.45 -4.83 13.40
N ILE A 214 -42.26 -5.01 12.35
CA ILE A 214 -41.93 -5.94 11.28
C ILE A 214 -40.80 -5.40 10.40
N GLU A 215 -40.81 -4.08 10.17
CA GLU A 215 -39.78 -3.42 9.37
C GLU A 215 -38.43 -3.97 9.82
N GLN A 216 -38.36 -4.33 11.09
CA GLN A 216 -37.14 -4.91 11.64
C GLN A 216 -37.05 -6.36 11.14
N ASP A 217 -37.22 -6.46 9.82
CA ASP A 217 -37.14 -7.69 9.04
C ASP A 217 -35.70 -7.55 8.53
N ILE A 218 -35.18 -6.36 8.79
CA ILE A 218 -33.83 -5.95 8.43
C ILE A 218 -32.83 -6.69 9.31
N LYS A 219 -33.11 -6.71 10.61
CA LYS A 219 -32.23 -7.37 11.56
C LYS A 219 -32.05 -8.86 11.25
N THR A 220 -33.10 -9.49 10.75
CA THR A 220 -33.05 -10.93 10.43
C THR A 220 -32.71 -11.21 8.98
N MET A 221 -32.41 -10.16 8.22
CA MET A 221 -32.09 -10.33 6.81
C MET A 221 -30.77 -11.06 6.58
N PRO A 222 -30.83 -12.30 6.06
CA PRO A 222 -29.65 -13.11 5.79
C PRO A 222 -28.60 -12.39 4.93
N ASP A 223 -27.34 -12.51 5.35
CA ASP A 223 -26.20 -11.90 4.66
C ASP A 223 -25.96 -10.42 5.00
N TYR A 224 -26.83 -9.56 4.47
CA TYR A 224 -26.73 -8.10 4.69
C TYR A 224 -26.67 -7.74 6.17
N PHE A 225 -27.64 -8.23 6.94
CA PHE A 225 -27.68 -7.97 8.38
C PHE A 225 -27.84 -9.31 9.09
N ALA A 226 -28.04 -9.28 10.41
CA ALA A 226 -28.23 -10.50 11.20
C ALA A 226 -26.90 -11.03 11.72
N ASP A 227 -25.87 -10.97 10.89
CA ASP A 227 -24.54 -11.40 11.29
C ASP A 227 -23.91 -10.24 12.06
N TYR A 228 -24.59 -9.10 12.05
CA TYR A 228 -24.13 -7.90 12.74
C TYR A 228 -25.14 -7.41 13.76
N ASN A 229 -24.67 -6.66 14.75
CA ASN A 229 -25.57 -6.07 15.74
C ASN A 229 -26.10 -4.85 14.99
N THR A 230 -27.33 -4.95 14.50
CA THR A 230 -27.94 -3.89 13.72
C THR A 230 -29.00 -3.07 14.43
N THR A 231 -28.79 -1.76 14.48
CA THR A 231 -29.75 -0.85 15.10
C THR A 231 -30.54 -0.23 13.96
N VAL A 232 -31.83 0.03 14.19
CA VAL A 232 -32.65 0.61 13.14
C VAL A 232 -33.51 1.77 13.64
N HIS A 233 -33.26 2.94 13.06
CA HIS A 233 -33.97 4.17 13.40
C HIS A 233 -34.97 4.54 12.32
N PHE A 234 -36.15 4.99 12.73
CA PHE A 234 -37.18 5.38 11.79
C PHE A 234 -37.26 6.91 11.74
N ILE A 235 -37.15 7.47 10.54
CA ILE A 235 -37.18 8.92 10.35
C ILE A 235 -38.03 9.33 9.16
N THR A 236 -38.15 10.64 8.96
CA THR A 236 -38.94 11.15 7.84
C THR A 236 -38.07 11.47 6.63
N GLU A 237 -38.67 11.45 5.44
CA GLU A 237 -37.96 11.75 4.21
C GLU A 237 -37.18 13.05 4.39
N GLU A 238 -37.77 13.98 5.14
CA GLU A 238 -37.14 15.27 5.41
C GLU A 238 -35.82 15.05 6.14
N GLU A 239 -35.88 14.27 7.22
CA GLU A 239 -34.69 13.97 8.04
C GLU A 239 -33.56 13.30 7.26
N LEU A 240 -33.92 12.37 6.39
CA LEU A 240 -32.93 11.65 5.60
C LEU A 240 -32.18 12.62 4.68
N LYS A 241 -32.93 13.48 4.00
CA LYS A 241 -32.36 14.45 3.07
C LYS A 241 -31.30 15.37 3.67
N LEU A 242 -31.68 16.14 4.68
CA LEU A 242 -30.76 17.10 5.29
C LEU A 242 -29.75 16.55 6.28
N ASN A 243 -30.03 15.38 6.86
CA ASN A 243 -29.11 14.81 7.84
C ASN A 243 -28.31 13.58 7.43
N HIS A 244 -28.67 12.95 6.32
CA HIS A 244 -27.95 11.74 5.93
C HIS A 244 -27.34 11.67 4.54
N ALA A 245 -26.67 12.74 4.13
CA ALA A 245 -25.99 12.75 2.85
C ALA A 245 -24.69 12.03 3.17
N GLY A 246 -24.74 10.70 3.13
CA GLY A 246 -23.58 9.89 3.46
C GLY A 246 -22.45 9.89 2.45
N LEU A 247 -21.67 10.97 2.45
CA LEU A 247 -20.55 11.09 1.52
C LEU A 247 -19.22 10.57 2.05
N SER A 248 -18.93 10.78 3.34
CA SER A 248 -17.67 10.32 3.90
C SER A 248 -17.62 8.80 4.11
N ASN A 249 -16.41 8.26 4.16
CA ASN A 249 -16.22 6.83 4.37
C ASN A 249 -14.73 6.55 4.57
N GLY A 250 -14.36 5.28 4.62
CA GLY A 250 -12.97 4.93 4.83
C GLY A 250 -12.83 3.48 5.23
N GLY A 251 -11.67 3.10 5.72
CA GLY A 251 -11.49 1.71 6.10
C GLY A 251 -10.06 1.42 6.50
N PHE A 252 -9.84 0.17 6.88
CA PHE A 252 -8.53 -0.25 7.32
C PHE A 252 -8.20 -1.64 6.80
N VAL A 253 -6.93 -1.84 6.46
CA VAL A 253 -6.46 -3.15 6.02
C VAL A 253 -5.23 -3.42 6.87
N ILE A 254 -5.36 -4.35 7.80
CA ILE A 254 -4.24 -4.67 8.69
C ILE A 254 -3.75 -6.10 8.53
N ARG A 255 -2.43 -6.24 8.46
CA ARG A 255 -1.81 -7.55 8.35
C ARG A 255 -1.00 -7.70 9.62
N SER A 256 -1.40 -8.64 10.45
CA SER A 256 -0.71 -8.90 11.69
C SER A 256 -0.03 -10.24 11.55
N GLY A 257 1.28 -10.25 11.61
CA GLY A 257 2.00 -11.49 11.48
C GLY A 257 3.19 -11.61 12.41
N ASN A 258 3.83 -12.77 12.36
CA ASN A 258 4.99 -13.04 13.17
C ASN A 258 6.05 -13.63 12.25
N THR A 259 7.30 -13.23 12.45
CA THR A 259 8.39 -13.76 11.64
C THR A 259 8.93 -14.95 12.42
N GLN A 260 9.72 -15.81 11.78
CA GLN A 260 10.29 -16.96 12.48
C GLN A 260 10.79 -16.51 13.85
N GLY A 261 10.23 -17.05 14.92
CA GLY A 261 10.67 -16.65 16.24
C GLY A 261 9.63 -15.97 17.11
N GLY A 262 8.52 -15.55 16.52
CA GLY A 262 7.47 -14.91 17.29
C GLY A 262 7.44 -13.40 17.36
N ALA A 263 8.36 -12.73 16.65
CA ALA A 263 8.39 -11.27 16.67
C ALA A 263 7.13 -10.68 16.04
N LYS A 264 6.46 -9.79 16.78
CA LYS A 264 5.22 -9.14 16.32
C LYS A 264 5.46 -8.09 15.24
N GLN A 265 4.94 -8.35 14.04
CA GLN A 265 5.10 -7.43 12.92
C GLN A 265 3.71 -7.01 12.42
N VAL A 266 3.44 -5.72 12.41
CA VAL A 266 2.13 -5.24 11.97
C VAL A 266 2.18 -4.21 10.84
N MET A 267 1.42 -4.48 9.79
CA MET A 267 1.34 -3.61 8.62
C MET A 267 -0.06 -3.04 8.51
N GLU A 268 -0.20 -1.74 8.30
CA GLU A 268 -1.52 -1.14 8.18
C GLU A 268 -1.63 -0.11 7.07
N PHE A 269 -2.76 -0.14 6.36
CA PHE A 269 -3.06 0.81 5.31
C PHE A 269 -4.46 1.26 5.64
N ASN A 270 -4.72 2.57 5.62
CA ASN A 270 -6.06 3.01 5.91
C ASN A 270 -6.45 4.28 5.18
N LEU A 271 -7.75 4.52 5.06
CA LEU A 271 -8.30 5.67 4.38
C LEU A 271 -9.33 6.39 5.21
N ASN A 272 -9.29 7.72 5.18
CA ASN A 272 -10.26 8.55 5.90
C ASN A 272 -10.69 9.53 4.82
N LEU A 273 -11.86 9.29 4.25
CA LEU A 273 -12.35 10.09 3.14
C LEU A 273 -13.58 10.92 3.42
N GLU A 274 -13.47 12.23 3.28
CA GLU A 274 -14.62 13.09 3.50
C GLU A 274 -15.58 12.89 2.34
N SER A 275 -15.04 12.58 1.18
CA SER A 275 -15.88 12.33 0.00
C SER A 275 -15.42 11.04 -0.66
N SER A 276 -16.08 9.97 -0.27
CA SER A 276 -15.80 8.63 -0.76
C SER A 276 -15.86 8.52 -2.28
N ALA A 277 -16.95 8.98 -2.87
CA ALA A 277 -17.11 8.93 -4.32
C ALA A 277 -15.98 9.65 -5.04
N GLU A 278 -15.64 10.86 -4.60
CA GLU A 278 -14.58 11.62 -5.23
C GLU A 278 -13.22 10.96 -5.11
N PHE A 279 -13.00 10.18 -4.05
CA PHE A 279 -11.72 9.49 -3.89
C PHE A 279 -11.65 8.38 -4.95
N THR A 280 -12.77 7.68 -5.11
CA THR A 280 -12.82 6.63 -6.11
C THR A 280 -12.52 7.26 -7.46
N SER A 281 -13.10 8.43 -7.70
CA SER A 281 -12.88 9.14 -8.96
C SER A 281 -11.40 9.40 -9.18
N SER A 282 -10.70 9.84 -8.13
CA SER A 282 -9.27 10.11 -8.22
C SER A 282 -8.51 8.82 -8.54
N VAL A 283 -8.90 7.72 -7.91
CA VAL A 283 -8.27 6.43 -8.16
C VAL A 283 -8.45 6.03 -9.62
N LEU A 284 -9.68 6.16 -10.11
CA LEU A 284 -9.99 5.81 -11.51
C LEU A 284 -9.12 6.60 -12.49
N VAL A 285 -9.02 7.90 -12.25
CA VAL A 285 -8.24 8.76 -13.11
C VAL A 285 -6.75 8.38 -13.11
N ALA A 286 -6.17 8.24 -11.92
CA ALA A 286 -4.77 7.86 -11.86
C ALA A 286 -4.53 6.55 -12.63
N TYR A 287 -5.45 5.59 -12.47
CA TYR A 287 -5.29 4.31 -13.15
C TYR A 287 -5.50 4.41 -14.67
N SER A 288 -6.19 5.44 -15.11
CA SER A 288 -6.41 5.62 -16.54
C SER A 288 -5.09 5.95 -17.20
N ARG A 289 -4.23 6.64 -16.47
CA ARG A 289 -2.91 6.99 -16.98
C ARG A 289 -2.12 5.72 -17.22
N ALA A 290 -2.17 4.81 -16.25
CA ALA A 290 -1.46 3.55 -16.36
C ALA A 290 -2.00 2.71 -17.52
N ILE A 291 -3.31 2.72 -17.70
CA ILE A 291 -3.93 1.98 -18.79
C ILE A 291 -3.54 2.57 -20.13
N TYR A 292 -3.45 3.89 -20.18
CA TYR A 292 -3.05 4.58 -21.39
C TYR A 292 -1.66 4.09 -21.78
N LYS A 293 -0.74 4.16 -20.81
CA LYS A 293 0.64 3.72 -21.03
C LYS A 293 0.72 2.28 -21.48
N LEU A 294 -0.03 1.39 -20.82
CA LEU A 294 -0.03 -0.03 -21.17
C LEU A 294 -0.56 -0.29 -22.57
N SER A 295 -1.62 0.42 -22.94
CA SER A 295 -2.22 0.25 -24.25
C SER A 295 -1.18 0.56 -25.32
N LYS A 296 -0.42 1.62 -25.09
CA LYS A 296 0.61 2.03 -26.04
C LYS A 296 1.75 1.01 -26.11
N GLU A 297 1.86 0.17 -25.09
CA GLU A 297 2.92 -0.83 -25.08
C GLU A 297 2.44 -2.10 -25.76
N GLY A 298 1.18 -2.10 -26.20
CA GLY A 298 0.65 -3.26 -26.86
C GLY A 298 -0.07 -4.25 -25.96
N LYS A 299 -0.19 -3.91 -24.68
CA LYS A 299 -0.88 -4.81 -23.74
C LYS A 299 -2.36 -4.87 -24.12
N LYS A 300 -2.90 -6.09 -24.13
CA LYS A 300 -4.30 -6.29 -24.46
C LYS A 300 -4.93 -7.31 -23.51
N GLY A 301 -6.23 -7.18 -23.30
CA GLY A 301 -6.92 -8.08 -22.39
C GLY A 301 -7.28 -7.37 -21.10
N ALA A 302 -7.84 -8.10 -20.14
CA ALA A 302 -8.23 -7.48 -18.87
C ALA A 302 -7.10 -7.53 -17.85
N VAL A 303 -7.03 -6.50 -17.02
CA VAL A 303 -6.04 -6.42 -15.95
C VAL A 303 -6.73 -5.88 -14.71
N THR A 304 -6.06 -6.04 -13.57
CA THR A 304 -6.57 -5.55 -12.30
C THR A 304 -5.42 -4.76 -11.68
N VAL A 305 -5.71 -4.04 -10.60
CA VAL A 305 -4.68 -3.25 -9.93
C VAL A 305 -3.48 -4.12 -9.54
N LEU A 306 -3.71 -5.41 -9.39
CA LEU A 306 -2.65 -6.32 -9.00
C LEU A 306 -1.55 -6.46 -10.06
N ASP A 307 -1.90 -6.24 -11.32
CA ASP A 307 -0.95 -6.37 -12.43
C ASP A 307 -0.21 -5.10 -12.82
N ILE A 308 -0.58 -3.97 -12.22
CA ILE A 308 0.02 -2.68 -12.58
C ILE A 308 1.07 -2.13 -11.60
N PRO A 309 2.30 -1.87 -12.10
CA PRO A 309 3.37 -1.34 -11.24
C PRO A 309 2.97 0.08 -10.86
N PHE A 310 3.24 0.48 -9.63
CA PHE A 310 2.85 1.83 -9.20
C PHE A 310 3.44 2.96 -10.04
N SER A 311 4.58 2.73 -10.68
CA SER A 311 5.20 3.77 -11.49
C SER A 311 4.30 4.21 -12.64
N TYR A 312 3.43 3.31 -13.09
CA TYR A 312 2.52 3.61 -14.19
C TYR A 312 1.41 4.60 -13.81
N LEU A 313 1.23 4.82 -12.51
CA LEU A 313 0.21 5.75 -12.03
C LEU A 313 0.70 7.19 -12.03
N SER A 314 2.01 7.39 -12.21
CA SER A 314 2.58 8.72 -12.19
C SER A 314 3.00 9.30 -13.54
N PRO A 315 2.81 10.62 -13.73
CA PRO A 315 3.19 11.29 -14.99
C PRO A 315 4.69 11.60 -15.00
N LYS A 316 5.35 11.37 -13.87
CA LYS A 316 6.78 11.63 -13.75
C LYS A 316 7.61 10.55 -14.43
N THR A 317 8.86 10.89 -14.74
CA THR A 317 9.76 9.95 -15.40
C THR A 317 10.34 8.96 -14.39
N PRO A 318 10.75 7.78 -14.86
CA PRO A 318 11.32 6.78 -13.96
C PRO A 318 12.47 7.34 -13.14
N GLU A 319 13.19 8.30 -13.72
CA GLU A 319 14.31 8.95 -13.07
C GLU A 319 13.87 9.91 -12.00
N GLU A 320 12.79 10.63 -12.26
CA GLU A 320 12.28 11.60 -11.28
C GLU A 320 11.73 10.87 -10.06
N LEU A 321 11.16 9.69 -10.28
CA LEU A 321 10.60 8.92 -9.18
C LEU A 321 11.71 8.37 -8.27
N ARG A 322 12.77 7.85 -8.88
CA ARG A 322 13.87 7.30 -8.10
C ARG A 322 14.59 8.39 -7.31
N LYS A 323 14.76 9.54 -7.94
CA LYS A 323 15.44 10.65 -7.30
C LYS A 323 14.61 11.24 -6.17
N GLU A 324 13.29 11.30 -6.37
CA GLU A 324 12.41 11.89 -5.37
C GLU A 324 11.80 10.95 -4.33
N LEU A 325 11.08 9.94 -4.79
CA LEU A 325 10.35 9.03 -3.91
C LEU A 325 10.99 7.76 -3.38
N LEU A 326 11.99 7.23 -4.07
CA LEU A 326 12.61 5.99 -3.64
C LEU A 326 13.41 6.10 -2.35
N SER B 3 9.68 -27.74 -8.04
CA SER B 3 10.77 -26.92 -8.64
C SER B 3 10.95 -25.60 -7.89
N LYS B 4 11.53 -25.71 -6.70
CA LYS B 4 11.77 -24.57 -5.81
C LYS B 4 12.65 -23.47 -6.37
N ILE B 5 12.49 -22.26 -5.84
CA ILE B 5 13.30 -21.12 -6.25
C ILE B 5 14.58 -21.20 -5.42
N ARG B 6 15.73 -21.27 -6.08
CA ARG B 6 17.01 -21.38 -5.40
C ARG B 6 17.58 -20.04 -4.94
N ILE B 7 17.58 -19.83 -3.64
CA ILE B 7 18.06 -18.56 -3.11
C ILE B 7 19.49 -18.65 -2.59
N GLY B 8 20.22 -17.54 -2.72
CA GLY B 8 21.58 -17.47 -2.23
C GLY B 8 21.70 -16.23 -1.38
N ILE B 9 22.29 -16.38 -0.19
CA ILE B 9 22.45 -15.26 0.71
C ILE B 9 23.91 -14.82 0.83
N VAL B 10 24.16 -13.54 0.63
CA VAL B 10 25.52 -13.00 0.76
C VAL B 10 25.56 -12.15 2.02
N GLY B 11 26.30 -12.62 3.02
CA GLY B 11 26.40 -11.90 4.28
C GLY B 11 25.57 -12.60 5.33
N TYR B 12 26.19 -12.89 6.47
CA TYR B 12 25.46 -13.58 7.51
C TYR B 12 25.32 -12.77 8.80
N GLY B 13 24.92 -11.52 8.66
CA GLY B 13 24.71 -10.64 9.80
C GLY B 13 23.27 -10.78 10.22
N ASN B 14 22.69 -9.74 10.82
CA ASN B 14 21.30 -9.83 11.25
C ASN B 14 20.33 -9.98 10.10
N ILE B 15 20.62 -9.36 8.97
CA ILE B 15 19.72 -9.47 7.83
C ILE B 15 19.88 -10.83 7.13
N GLY B 16 21.12 -11.27 6.97
CA GLY B 16 21.36 -12.56 6.35
C GLY B 16 20.64 -13.64 7.16
N LYS B 17 20.81 -13.59 8.48
CA LYS B 17 20.17 -14.55 9.37
C LYS B 17 18.65 -14.43 9.26
N GLY B 18 18.17 -13.20 9.15
CA GLY B 18 16.74 -12.97 9.01
C GLY B 18 16.20 -13.54 7.71
N VAL B 19 17.01 -13.44 6.66
CA VAL B 19 16.61 -13.97 5.35
C VAL B 19 16.52 -15.49 5.40
N GLU B 20 17.51 -16.12 6.03
CA GLU B 20 17.52 -17.57 6.14
C GLU B 20 16.25 -18.03 6.84
N LYS B 21 15.87 -17.30 7.88
CA LYS B 21 14.66 -17.62 8.64
C LYS B 21 13.40 -17.48 7.79
N ALA B 22 13.25 -16.35 7.12
CA ALA B 22 12.08 -16.10 6.30
C ALA B 22 11.91 -17.15 5.19
N ILE B 23 13.03 -17.61 4.63
CA ILE B 23 12.93 -18.59 3.57
C ILE B 23 12.25 -19.86 4.06
N LYS B 24 12.27 -20.08 5.37
CA LYS B 24 11.62 -21.26 5.95
C LYS B 24 10.09 -21.11 5.93
N GLN B 25 9.63 -19.86 5.86
CA GLN B 25 8.20 -19.56 5.81
C GLN B 25 7.69 -19.57 4.37
N ASN B 26 8.56 -19.92 3.42
CA ASN B 26 8.18 -19.94 2.02
C ASN B 26 8.42 -21.29 1.34
N ASP B 27 7.40 -22.13 1.35
CA ASP B 27 7.46 -23.46 0.77
C ASP B 27 7.95 -23.56 -0.67
N ASP B 28 7.87 -22.48 -1.44
CA ASP B 28 8.35 -22.53 -2.83
C ASP B 28 9.81 -22.13 -2.99
N MET B 29 10.49 -21.90 -1.88
CA MET B 29 11.90 -21.51 -1.92
C MET B 29 12.81 -22.47 -1.19
N GLU B 30 14.09 -22.44 -1.57
CA GLU B 30 15.08 -23.31 -0.96
C GLU B 30 16.37 -22.51 -0.84
N LEU B 31 17.00 -22.57 0.32
CA LEU B 31 18.26 -21.86 0.53
C LEU B 31 19.36 -22.77 0.01
N GLU B 32 20.13 -22.28 -0.94
CA GLU B 32 21.22 -23.06 -1.52
C GLU B 32 22.51 -22.86 -0.77
N ALA B 33 22.86 -21.61 -0.51
CA ALA B 33 24.08 -21.30 0.20
C ALA B 33 24.09 -19.93 0.84
N ILE B 34 24.90 -19.81 1.88
CA ILE B 34 25.07 -18.56 2.59
C ILE B 34 26.57 -18.29 2.45
N PHE B 35 26.89 -17.22 1.74
CA PHE B 35 28.28 -16.86 1.51
C PHE B 35 28.78 -15.90 2.57
N THR B 36 29.92 -16.24 3.18
CA THR B 36 30.49 -15.41 4.23
C THR B 36 32.00 -15.24 4.10
N ARG B 37 32.50 -14.10 4.59
CA ARG B 37 33.94 -13.83 4.55
C ARG B 37 34.67 -14.52 5.69
N ARG B 38 33.95 -14.88 6.74
CA ARG B 38 34.55 -15.56 7.89
C ARG B 38 35.13 -16.92 7.52
N ASP B 39 36.17 -17.33 8.24
CA ASP B 39 36.79 -18.63 7.99
C ASP B 39 35.81 -19.66 8.49
N ILE B 40 35.05 -20.26 7.58
CA ILE B 40 34.06 -21.24 8.00
C ILE B 40 34.70 -22.47 8.65
N ASN B 41 36.02 -22.59 8.55
CA ASN B 41 36.68 -23.73 9.17
C ASN B 41 36.51 -23.62 10.69
N LYS B 42 36.47 -22.38 11.19
CA LYS B 42 36.30 -22.13 12.61
C LYS B 42 34.82 -22.05 12.94
N VAL B 43 34.09 -21.33 12.10
CA VAL B 43 32.65 -21.13 12.27
C VAL B 43 31.92 -22.48 12.20
N ASP B 44 32.63 -23.54 12.56
CA ASP B 44 32.12 -24.91 12.58
C ASP B 44 32.20 -25.62 11.23
N SER B 45 31.23 -26.50 10.96
CA SER B 45 31.19 -27.24 9.72
C SER B 45 29.82 -27.84 9.43
N ASN B 46 29.01 -28.02 10.46
CA ASN B 46 27.69 -28.61 10.24
C ASN B 46 26.53 -27.62 10.15
N ASN B 47 26.58 -26.86 9.06
CA ASN B 47 25.60 -25.87 8.67
C ASN B 47 25.85 -25.86 7.18
N SER B 48 25.75 -27.04 6.59
CA SER B 48 25.96 -27.30 5.17
C SER B 48 25.85 -26.09 4.27
N LYS B 49 25.03 -25.13 4.67
CA LYS B 49 24.79 -23.92 3.88
C LYS B 49 25.92 -22.91 3.82
N LEU B 50 26.76 -22.81 4.84
CA LEU B 50 27.84 -21.84 4.82
C LEU B 50 28.90 -22.17 3.77
N VAL B 51 29.27 -21.14 3.01
CA VAL B 51 30.28 -21.28 1.97
C VAL B 51 31.11 -20.01 1.96
N HIS B 52 32.42 -20.14 1.85
CA HIS B 52 33.28 -18.97 1.84
C HIS B 52 33.04 -18.16 0.58
N ILE B 53 33.00 -16.85 0.75
CA ILE B 53 32.76 -15.88 -0.32
C ILE B 53 33.66 -16.06 -1.55
N SER B 54 34.84 -16.62 -1.36
CA SER B 54 35.76 -16.82 -2.49
C SER B 54 35.24 -17.83 -3.50
N ARG B 55 34.29 -18.66 -3.09
CA ARG B 55 33.72 -19.67 -3.97
C ARG B 55 32.34 -19.30 -4.48
N LEU B 56 32.02 -18.01 -4.44
CA LEU B 56 30.72 -17.54 -4.91
C LEU B 56 30.54 -17.89 -6.38
N GLU B 57 31.56 -17.58 -7.18
CA GLU B 57 31.56 -17.85 -8.61
C GLU B 57 31.16 -19.26 -8.99
N LEU B 58 31.46 -20.23 -8.12
CA LEU B 58 31.15 -21.62 -8.39
C LEU B 58 29.66 -21.95 -8.33
N TYR B 59 28.87 -21.01 -7.87
CA TYR B 59 27.44 -21.24 -7.75
C TYR B 59 26.57 -20.53 -8.78
N LYS B 60 27.17 -20.11 -9.89
CA LYS B 60 26.43 -19.41 -10.94
C LYS B 60 25.24 -20.17 -11.51
N ASP B 61 25.36 -21.50 -11.61
CA ASP B 61 24.28 -22.31 -12.16
C ASP B 61 23.35 -22.93 -11.11
N THR B 62 23.61 -22.65 -9.84
CA THR B 62 22.77 -23.21 -8.78
C THR B 62 21.98 -22.16 -8.00
N VAL B 63 22.23 -20.89 -8.28
CA VAL B 63 21.52 -19.80 -7.60
C VAL B 63 20.67 -18.99 -8.57
N ASP B 64 19.36 -18.95 -8.32
CA ASP B 64 18.45 -18.17 -9.17
C ASP B 64 18.45 -16.72 -8.72
N VAL B 65 18.45 -16.51 -7.42
CA VAL B 65 18.44 -15.15 -6.89
C VAL B 65 19.38 -15.05 -5.69
N MET B 66 20.22 -14.03 -5.70
CA MET B 66 21.16 -13.80 -4.62
C MET B 66 20.67 -12.59 -3.82
N ILE B 67 20.41 -12.78 -2.53
CA ILE B 67 19.96 -11.67 -1.72
C ILE B 67 21.20 -11.09 -1.02
N LEU B 68 21.49 -9.82 -1.31
CA LEU B 68 22.64 -9.13 -0.74
C LEU B 68 22.37 -8.57 0.65
N CYS B 69 22.98 -9.20 1.65
CA CYS B 69 22.81 -8.80 3.05
C CYS B 69 24.11 -8.28 3.64
N GLY B 70 24.85 -7.53 2.82
CA GLY B 70 26.13 -6.95 3.22
C GLY B 70 26.62 -7.28 4.61
N GLY B 71 27.52 -8.26 4.69
CA GLY B 71 28.08 -8.71 5.96
C GLY B 71 27.98 -7.71 7.10
N SER B 72 28.45 -6.48 6.85
CA SER B 72 28.44 -5.37 7.82
C SER B 72 29.72 -4.55 7.68
N ALA B 73 30.07 -4.21 6.44
CA ALA B 73 31.27 -3.45 6.17
C ALA B 73 31.36 -3.13 4.67
N THR B 74 32.02 -2.00 4.38
CA THR B 74 32.23 -1.51 3.02
C THR B 74 31.53 -2.21 1.86
N ASP B 75 31.85 -3.48 1.60
CA ASP B 75 31.22 -4.21 0.50
C ASP B 75 29.70 -4.10 0.63
N LEU B 76 29.28 -3.59 1.78
CA LEU B 76 27.88 -3.35 2.13
C LEU B 76 27.51 -2.03 1.47
N VAL B 77 27.87 -1.91 0.20
CA VAL B 77 27.60 -0.71 -0.59
C VAL B 77 28.49 -0.80 -1.83
N GLU B 78 29.40 -1.77 -1.83
CA GLU B 78 30.35 -1.94 -2.92
C GLU B 78 30.34 -3.24 -3.72
N GLN B 79 29.68 -4.29 -3.25
CA GLN B 79 29.73 -5.54 -4.01
C GLN B 79 28.42 -6.03 -4.62
N GLY B 80 27.51 -5.12 -4.89
CA GLY B 80 26.28 -5.50 -5.55
C GLY B 80 26.76 -5.69 -6.98
N PRO B 81 27.60 -4.77 -7.46
CA PRO B 81 28.17 -4.80 -8.81
C PRO B 81 28.92 -6.10 -9.13
N MET B 82 29.68 -6.59 -8.17
CA MET B 82 30.46 -7.80 -8.38
C MET B 82 29.58 -9.04 -8.47
N ILE B 83 28.48 -9.07 -7.72
CA ILE B 83 27.57 -10.21 -7.75
C ILE B 83 26.62 -10.12 -8.95
N ALA B 84 26.25 -8.90 -9.33
CA ALA B 84 25.33 -8.69 -10.44
C ALA B 84 25.82 -9.27 -11.75
N SER B 85 27.14 -9.29 -11.95
CA SER B 85 27.72 -9.82 -13.17
C SER B 85 27.62 -11.33 -13.22
N GLN B 86 27.17 -11.93 -12.13
CA GLN B 86 27.09 -13.38 -12.07
C GLN B 86 25.73 -13.93 -11.67
N PHE B 87 24.92 -13.11 -10.99
CA PHE B 87 23.60 -13.57 -10.56
C PHE B 87 22.59 -12.46 -10.65
N ASN B 88 21.31 -12.83 -10.55
CA ASN B 88 20.25 -11.83 -10.54
C ASN B 88 20.32 -11.44 -9.08
N THR B 89 20.25 -10.15 -8.77
CA THR B 89 20.38 -9.76 -7.38
C THR B 89 19.24 -8.97 -6.79
N VAL B 90 19.19 -8.96 -5.45
CA VAL B 90 18.20 -8.24 -4.68
C VAL B 90 18.97 -7.59 -3.53
N ASP B 91 18.86 -6.27 -3.40
CA ASP B 91 19.53 -5.58 -2.31
C ASP B 91 18.63 -4.54 -1.66
N SER B 92 19.08 -4.02 -0.52
CA SER B 92 18.31 -3.02 0.21
C SER B 92 19.08 -1.72 0.36
N PHE B 93 19.91 -1.41 -0.64
CA PHE B 93 20.71 -0.19 -0.65
C PHE B 93 19.83 0.93 -0.11
N ASP B 94 20.17 1.50 1.04
CA ASP B 94 19.32 2.54 1.64
C ASP B 94 19.80 3.98 1.62
N ASN B 95 20.84 4.29 0.86
CA ASN B 95 21.32 5.67 0.81
C ASN B 95 20.52 6.41 -0.27
N HIS B 96 19.37 6.94 0.13
CA HIS B 96 18.49 7.66 -0.78
C HIS B 96 19.19 8.63 -1.73
N GLY B 97 20.11 9.43 -1.20
CA GLY B 97 20.83 10.38 -2.02
C GLY B 97 21.70 9.76 -3.09
N ARG B 98 22.22 8.57 -2.82
CA ARG B 98 23.08 7.90 -3.81
C ARG B 98 22.33 6.84 -4.61
N ILE B 99 21.02 6.73 -4.41
CA ILE B 99 20.22 5.74 -5.14
C ILE B 99 20.31 5.88 -6.66
N PRO B 100 20.15 7.10 -7.19
CA PRO B 100 20.23 7.28 -8.64
C PRO B 100 21.51 6.68 -9.23
N GLN B 101 22.62 6.91 -8.55
CA GLN B 101 23.92 6.41 -8.97
C GLN B 101 24.03 4.91 -8.85
N HIS B 102 23.48 4.36 -7.77
CA HIS B 102 23.53 2.92 -7.55
C HIS B 102 22.77 2.24 -8.68
N PHE B 103 21.65 2.85 -9.07
CA PHE B 103 20.82 2.31 -10.14
C PHE B 103 21.61 2.19 -11.44
N GLU B 104 22.21 3.29 -11.87
CA GLU B 104 22.99 3.28 -13.10
C GLU B 104 24.06 2.20 -13.09
N ARG B 105 24.84 2.15 -12.02
CA ARG B 105 25.91 1.17 -11.88
C ARG B 105 25.39 -0.26 -12.04
N MET B 106 24.37 -0.59 -11.26
CA MET B 106 23.79 -1.92 -11.32
C MET B 106 23.10 -2.21 -12.65
N ASP B 107 22.54 -1.18 -13.26
CA ASP B 107 21.84 -1.33 -14.54
C ASP B 107 22.81 -1.76 -15.64
N GLU B 108 23.94 -1.07 -15.72
CA GLU B 108 24.96 -1.40 -16.73
C GLU B 108 25.43 -2.84 -16.56
N ILE B 109 25.91 -3.15 -15.36
CA ILE B 109 26.41 -4.48 -15.05
C ILE B 109 25.37 -5.57 -15.27
N SER B 110 24.13 -5.30 -14.85
CA SER B 110 23.04 -6.27 -15.02
C SER B 110 22.82 -6.60 -16.49
N LYS B 111 22.56 -5.58 -17.29
CA LYS B 111 22.32 -5.78 -18.71
C LYS B 111 23.50 -6.50 -19.35
N LYS B 112 24.68 -5.91 -19.21
CA LYS B 112 25.91 -6.47 -19.75
C LYS B 112 26.02 -7.98 -19.48
N ALA B 113 25.48 -8.42 -18.35
CA ALA B 113 25.54 -9.83 -17.99
C ALA B 113 24.28 -10.63 -18.32
N GLY B 114 23.22 -9.95 -18.73
CA GLY B 114 21.98 -10.64 -19.05
C GLY B 114 21.24 -11.07 -17.79
N ASN B 115 21.37 -10.28 -16.73
CA ASN B 115 20.70 -10.57 -15.46
C ASN B 115 19.83 -9.40 -15.05
N ILE B 116 19.07 -9.57 -13.97
CA ILE B 116 18.22 -8.50 -13.47
C ILE B 116 18.58 -8.24 -12.03
N SER B 117 18.61 -6.98 -11.65
CA SER B 117 18.95 -6.60 -10.28
C SER B 117 17.94 -5.67 -9.65
N LEU B 118 17.43 -6.06 -8.49
CA LEU B 118 16.47 -5.23 -7.77
C LEU B 118 17.23 -4.45 -6.71
N ILE B 119 17.18 -3.12 -6.79
CA ILE B 119 17.88 -2.30 -5.81
C ILE B 119 16.91 -1.55 -4.90
N SER B 120 17.40 -1.20 -3.72
CA SER B 120 16.65 -0.42 -2.74
C SER B 120 15.28 -0.92 -2.28
N THR B 121 15.18 -2.20 -1.93
CA THR B 121 13.91 -2.71 -1.43
C THR B 121 14.04 -2.82 0.10
N GLY B 122 12.91 -3.05 0.77
CA GLY B 122 12.89 -3.14 2.23
C GLY B 122 11.69 -2.31 2.65
N TRP B 123 11.68 -1.73 3.86
CA TRP B 123 10.53 -0.92 4.22
C TRP B 123 10.73 0.54 3.84
N ASP B 124 11.97 1.02 3.94
CA ASP B 124 12.29 2.38 3.50
C ASP B 124 13.79 2.52 3.30
N PRO B 125 14.25 2.53 2.05
CA PRO B 125 13.41 2.40 0.84
C PRO B 125 12.68 1.07 0.71
N GLY B 126 11.63 1.06 -0.11
CA GLY B 126 10.85 -0.14 -0.31
C GLY B 126 9.37 0.14 -0.17
N LEU B 127 8.75 -0.43 0.86
CA LEU B 127 7.32 -0.23 1.05
C LEU B 127 6.94 1.24 1.24
N PHE B 128 7.72 1.99 2.01
CA PHE B 128 7.39 3.39 2.20
C PHE B 128 7.44 4.15 0.89
N SER B 129 8.42 3.80 0.05
CA SER B 129 8.59 4.43 -1.26
C SER B 129 7.33 4.22 -2.10
N LEU B 130 6.85 2.98 -2.13
CA LEU B 130 5.66 2.65 -2.90
C LEU B 130 4.46 3.46 -2.45
N ASN B 131 4.33 3.62 -1.13
CA ASN B 131 3.20 4.36 -0.61
C ASN B 131 3.29 5.85 -0.79
N ARG B 132 4.50 6.41 -0.85
CA ARG B 132 4.62 7.85 -1.11
C ARG B 132 4.14 8.02 -2.55
N LEU B 133 4.62 7.14 -3.43
CA LEU B 133 4.25 7.16 -4.84
C LEU B 133 2.75 7.05 -5.04
N LEU B 134 2.16 6.03 -4.43
CA LEU B 134 0.73 5.81 -4.51
C LEU B 134 -0.02 7.06 -4.07
N GLY B 135 0.40 7.61 -2.93
CA GLY B 135 -0.26 8.78 -2.40
C GLY B 135 -0.28 9.98 -3.32
N GLU B 136 0.89 10.34 -3.87
CA GLU B 136 0.93 11.50 -4.75
C GLU B 136 0.33 11.21 -6.12
N SER B 137 0.18 9.94 -6.46
CA SER B 137 -0.40 9.59 -7.75
C SER B 137 -1.92 9.63 -7.66
N ILE B 138 -2.46 9.09 -6.59
CA ILE B 138 -3.89 9.08 -6.36
C ILE B 138 -4.43 10.48 -6.02
N LEU B 139 -3.68 11.21 -5.21
CA LEU B 139 -4.09 12.55 -4.79
C LEU B 139 -3.00 13.55 -5.19
N PRO B 140 -2.96 13.92 -6.48
CA PRO B 140 -1.97 14.86 -7.03
C PRO B 140 -1.88 16.19 -6.31
N LYS B 141 -2.98 16.61 -5.70
CA LYS B 141 -3.00 17.85 -4.96
C LYS B 141 -3.08 17.49 -3.48
N GLY B 142 -2.03 17.80 -2.75
CA GLY B 142 -1.98 17.48 -1.34
C GLY B 142 -0.54 17.41 -0.87
N LYS B 143 -0.34 16.91 0.35
CA LYS B 143 1.00 16.81 0.91
C LYS B 143 1.32 15.42 1.43
N THR B 144 2.59 15.01 1.29
CA THR B 144 3.00 13.71 1.79
C THR B 144 3.82 13.91 3.04
N HIS B 145 3.60 13.05 4.03
CA HIS B 145 4.32 13.13 5.28
C HIS B 145 4.85 11.77 5.70
N THR B 146 6.16 11.62 5.79
CA THR B 146 6.75 10.37 6.22
C THR B 146 7.36 10.58 7.60
N PHE B 147 7.06 9.68 8.53
CA PHE B 147 7.59 9.74 9.89
C PHE B 147 8.28 8.41 10.15
N TRP B 148 9.34 8.38 10.83
CA TRP B 148 10.03 7.13 11.11
C TRP B 148 9.80 6.80 12.59
N GLY B 149 8.88 5.85 12.82
CA GLY B 149 8.48 5.39 14.14
C GLY B 149 9.62 5.19 15.10
N LYS B 150 9.30 4.88 16.36
CA LYS B 150 10.36 4.70 17.35
C LYS B 150 11.41 3.70 16.88
N GLY B 151 12.68 4.20 16.63
CA GLY B 151 13.78 3.30 16.37
C GLY B 151 15.08 4.00 16.69
N VAL B 152 16.16 3.23 16.75
CA VAL B 152 17.45 3.77 17.08
C VAL B 152 18.18 4.37 15.87
N SER B 153 18.97 5.39 16.15
CA SER B 153 19.79 6.03 15.12
C SER B 153 21.22 5.77 15.56
N LEU B 154 21.80 4.70 15.03
CA LEU B 154 23.16 4.30 15.41
C LEU B 154 24.12 5.46 15.63
N GLY B 155 24.18 6.36 14.65
CA GLY B 155 25.07 7.50 14.77
C GLY B 155 24.85 8.23 16.07
N HIS B 156 23.60 8.48 16.39
CA HIS B 156 23.24 9.19 17.61
C HIS B 156 23.70 8.49 18.90
N SER B 157 23.64 7.16 18.91
CA SER B 157 24.06 6.39 20.08
C SER B 157 25.56 6.53 20.28
N ASP B 158 26.30 6.55 19.17
CA ASP B 158 27.75 6.71 19.23
C ASP B 158 28.02 8.15 19.69
N ALA B 159 27.24 9.09 19.15
CA ALA B 159 27.37 10.50 19.49
C ALA B 159 27.17 10.70 20.99
N ILE B 160 26.15 10.05 21.55
CA ILE B 160 25.86 10.14 22.97
C ILE B 160 27.05 9.66 23.78
N ARG B 161 27.65 8.56 23.35
CA ARG B 161 28.80 7.97 24.03
C ARG B 161 30.03 8.87 24.04
N ARG B 162 30.06 9.85 23.13
CA ARG B 162 31.18 10.78 23.06
C ARG B 162 31.09 11.86 24.15
N VAL B 163 29.90 12.04 24.70
CA VAL B 163 29.66 13.06 25.72
C VAL B 163 30.33 12.72 27.06
N GLN B 164 31.02 13.71 27.62
CA GLN B 164 31.72 13.54 28.89
C GLN B 164 30.73 13.10 29.96
N GLY B 165 31.09 12.05 30.69
CA GLY B 165 30.22 11.57 31.76
C GLY B 165 29.29 10.44 31.37
N VAL B 166 29.22 10.15 30.07
CA VAL B 166 28.35 9.08 29.56
C VAL B 166 29.10 7.75 29.41
N LYS B 167 28.75 6.77 30.24
CA LYS B 167 29.34 5.44 30.19
C LYS B 167 28.84 4.71 28.95
N ASN B 168 27.52 4.63 28.85
CA ASN B 168 26.89 3.95 27.75
C ASN B 168 25.50 4.57 27.55
N GLY B 169 24.86 4.29 26.43
CA GLY B 169 23.55 4.85 26.17
C GLY B 169 22.95 4.49 24.83
N ILE B 170 21.73 4.92 24.62
CA ILE B 170 21.02 4.65 23.38
C ILE B 170 20.07 5.82 23.07
N GLN B 171 19.87 6.08 21.78
CA GLN B 171 18.97 7.16 21.34
C GLN B 171 17.83 6.57 20.52
N TYR B 172 16.70 7.27 20.53
CA TYR B 172 15.51 6.88 19.76
C TYR B 172 14.93 8.13 19.11
N ILE B 173 14.52 8.00 17.85
CA ILE B 173 13.88 9.11 17.16
C ILE B 173 12.43 8.66 17.25
N ILE B 174 11.53 9.57 17.62
CA ILE B 174 10.13 9.19 17.76
C ILE B 174 9.20 10.23 17.18
N PRO B 175 8.21 9.80 16.37
CA PRO B 175 7.27 10.75 15.80
C PRO B 175 6.48 11.41 16.93
N ILE B 176 6.18 12.69 16.78
CA ILE B 176 5.43 13.42 17.79
C ILE B 176 3.94 13.25 17.48
N LYS B 177 3.18 12.77 18.45
CA LYS B 177 1.76 12.54 18.22
C LYS B 177 1.04 13.74 17.64
N GLY B 178 1.37 14.93 18.14
CA GLY B 178 0.75 16.14 17.66
C GLY B 178 0.82 16.28 16.15
N ALA B 179 1.99 16.05 15.59
CA ALA B 179 2.18 16.14 14.15
C ALA B 179 1.41 15.02 13.43
N LEU B 180 1.42 13.82 14.00
CA LEU B 180 0.71 12.71 13.37
C LEU B 180 -0.77 13.01 13.30
N ASP B 181 -1.33 13.51 14.40
CA ASP B 181 -2.75 13.83 14.45
C ASP B 181 -3.09 14.92 13.45
N LYS B 182 -2.24 15.94 13.36
CA LYS B 182 -2.49 17.02 12.40
C LYS B 182 -2.37 16.52 10.98
N ALA B 183 -1.41 15.66 10.72
CA ALA B 183 -1.24 15.11 9.38
C ALA B 183 -2.51 14.32 9.05
N ARG B 184 -2.88 13.42 9.97
CA ARG B 184 -4.06 12.58 9.80
C ARG B 184 -5.35 13.37 9.69
N SER B 185 -5.37 14.57 10.26
CA SER B 185 -6.56 15.40 10.16
C SER B 185 -6.52 15.87 8.72
N GLY B 186 -7.58 16.49 8.23
CA GLY B 186 -7.55 16.93 6.85
C GLY B 186 -6.81 18.23 6.59
N GLU B 187 -6.49 18.96 7.65
CA GLU B 187 -5.82 20.25 7.49
C GLU B 187 -4.40 20.15 6.92
N GLN B 188 -4.19 20.82 5.79
CA GLN B 188 -2.89 20.80 5.14
C GLN B 188 -1.89 21.69 5.87
N CYS B 189 -0.62 21.30 5.83
CA CYS B 189 0.43 22.07 6.48
C CYS B 189 1.78 21.42 6.22
N ASP B 190 2.83 22.21 6.42
CA ASP B 190 4.19 21.73 6.26
C ASP B 190 4.71 21.68 7.70
N PHE B 191 5.57 20.72 7.99
CA PHE B 191 6.08 20.59 9.35
C PHE B 191 7.54 20.99 9.44
N THR B 192 7.92 21.63 10.54
CA THR B 192 9.30 22.01 10.77
C THR B 192 9.92 20.73 11.33
N THR B 193 11.23 20.59 11.20
CA THR B 193 11.91 19.40 11.72
C THR B 193 11.53 19.16 13.17
N ARG B 194 11.52 20.25 13.93
CA ARG B 194 11.21 20.20 15.36
C ARG B 194 9.80 19.73 15.70
N GLU B 195 8.87 19.84 14.76
CA GLU B 195 7.50 19.42 15.01
C GLU B 195 7.20 17.96 14.68
N LYS B 196 7.93 17.39 13.73
CA LYS B 196 7.71 16.01 13.30
C LYS B 196 8.22 14.89 14.21
N HIS B 197 9.46 15.03 14.69
CA HIS B 197 10.05 14.00 15.55
C HIS B 197 10.79 14.56 16.76
N GLU B 198 10.77 13.80 17.85
CA GLU B 198 11.48 14.18 19.06
C GLU B 198 12.53 13.10 19.27
N MET B 199 13.47 13.33 20.16
CA MET B 199 14.50 12.35 20.43
C MET B 199 14.60 12.06 21.91
N VAL B 200 14.67 10.78 22.24
CA VAL B 200 14.75 10.33 23.63
C VAL B 200 16.01 9.50 23.81
N CYS B 201 16.77 9.85 24.86
CA CYS B 201 18.00 9.14 25.15
C CYS B 201 17.90 8.48 26.51
N TYR B 202 18.55 7.33 26.63
CA TYR B 202 18.61 6.61 27.90
C TYR B 202 20.10 6.45 28.12
N VAL B 203 20.61 7.13 29.14
CA VAL B 203 22.02 7.12 29.42
C VAL B 203 22.48 6.48 30.72
N VAL B 204 23.61 5.78 30.63
CA VAL B 204 24.24 5.16 31.78
C VAL B 204 25.41 6.11 32.05
N PRO B 205 25.32 6.88 33.15
CA PRO B 205 26.38 7.84 33.51
C PRO B 205 27.56 7.21 34.23
N GLU B 206 28.74 7.84 34.09
CA GLU B 206 29.94 7.39 34.78
C GLU B 206 29.68 7.76 36.23
N GLU B 207 30.30 7.08 37.19
CA GLU B 207 30.06 7.45 38.58
C GLU B 207 30.47 8.91 38.73
N ASN B 208 29.66 9.69 39.44
CA ASN B 208 29.88 11.13 39.61
C ASN B 208 29.29 11.75 38.33
N ALA B 209 30.16 12.13 37.40
CA ALA B 209 29.74 12.67 36.09
C ALA B 209 29.15 14.09 35.93
N ASP B 210 28.02 14.35 36.59
CA ASP B 210 27.28 15.63 36.51
C ASP B 210 26.13 15.45 35.51
N LEU B 211 25.03 14.91 36.01
CA LEU B 211 23.84 14.61 35.21
C LEU B 211 23.21 15.79 34.48
N LYS B 212 23.09 16.94 35.14
CA LYS B 212 22.49 18.09 34.48
C LYS B 212 23.35 18.51 33.29
N LYS B 213 24.66 18.37 33.42
CA LYS B 213 25.60 18.76 32.38
C LYS B 213 25.58 17.81 31.17
N ILE B 214 25.37 16.52 31.41
CA ILE B 214 25.31 15.55 30.33
C ILE B 214 24.06 15.83 29.52
N GLU B 215 22.97 16.06 30.24
CA GLU B 215 21.67 16.35 29.64
C GLU B 215 21.74 17.53 28.68
N GLN B 216 22.48 18.56 29.06
CA GLN B 216 22.60 19.73 28.22
C GLN B 216 23.63 19.58 27.11
N ASP B 217 24.63 18.72 27.33
CA ASP B 217 25.63 18.48 26.29
C ASP B 217 24.98 17.68 25.16
N ILE B 218 24.05 16.81 25.52
CA ILE B 218 23.34 16.00 24.54
C ILE B 218 22.34 16.86 23.79
N LYS B 219 21.51 17.59 24.53
CA LYS B 219 20.49 18.43 23.93
C LYS B 219 21.03 19.50 22.97
N THR B 220 22.11 20.17 23.35
CA THR B 220 22.67 21.22 22.50
C THR B 220 23.65 20.70 21.45
N MET B 221 23.81 19.39 21.35
CA MET B 221 24.74 18.81 20.37
C MET B 221 24.31 19.10 18.94
N PRO B 222 25.18 19.79 18.18
CA PRO B 222 24.92 20.14 16.79
C PRO B 222 24.98 18.94 15.84
N ASP B 223 24.22 19.04 14.75
CA ASP B 223 24.15 18.00 13.74
C ASP B 223 23.37 16.76 14.21
N TYR B 224 23.10 16.67 15.52
CA TYR B 224 22.38 15.52 16.04
C TYR B 224 21.09 15.81 16.81
N PHE B 225 21.20 16.55 17.90
CA PHE B 225 20.03 16.84 18.74
C PHE B 225 19.55 18.29 18.78
N ALA B 226 20.47 19.23 18.56
CA ALA B 226 20.15 20.66 18.61
C ALA B 226 18.81 21.04 18.00
N ASP B 227 18.48 20.51 16.82
CA ASP B 227 17.24 20.85 16.15
C ASP B 227 16.00 20.14 16.68
N TYR B 228 16.17 19.14 17.54
CA TYR B 228 15.02 18.39 18.07
C TYR B 228 14.80 18.51 19.57
N ASN B 229 13.55 18.38 19.99
CA ASN B 229 13.24 18.41 21.41
C ASN B 229 13.80 17.07 21.86
N THR B 230 14.76 17.11 22.78
CA THR B 230 15.41 15.89 23.26
C THR B 230 15.24 15.67 24.76
N THR B 231 14.88 14.45 25.12
CA THR B 231 14.69 14.07 26.53
C THR B 231 15.81 13.10 26.89
N VAL B 232 16.33 13.25 28.10
CA VAL B 232 17.40 12.36 28.55
C VAL B 232 17.01 11.69 29.85
N HIS B 233 16.97 10.36 29.82
CA HIS B 233 16.63 9.58 31.01
C HIS B 233 17.89 8.87 31.47
N PHE B 234 18.10 8.85 32.79
CA PHE B 234 19.27 8.20 33.34
C PHE B 234 18.91 6.83 33.91
N ILE B 235 19.62 5.81 33.46
CA ILE B 235 19.35 4.46 33.91
C ILE B 235 20.66 3.72 34.18
N THR B 236 20.55 2.49 34.68
CA THR B 236 21.73 1.67 34.97
C THR B 236 22.08 0.83 33.75
N GLU B 237 23.23 0.18 33.81
CA GLU B 237 23.69 -0.67 32.72
C GLU B 237 22.72 -1.84 32.54
N GLU B 238 22.24 -2.39 33.66
CA GLU B 238 21.31 -3.51 33.63
C GLU B 238 20.04 -3.20 32.85
N GLU B 239 19.41 -2.07 33.16
CA GLU B 239 18.17 -1.66 32.49
C GLU B 239 18.43 -1.41 31.01
N LEU B 240 19.62 -0.92 30.68
CA LEU B 240 19.96 -0.69 29.29
C LEU B 240 19.97 -2.02 28.54
N LYS B 241 20.69 -3.00 29.07
CA LYS B 241 20.78 -4.32 28.45
C LYS B 241 19.39 -4.98 28.40
N LEU B 242 18.63 -4.83 29.48
CA LEU B 242 17.30 -5.42 29.57
C LEU B 242 16.19 -4.80 28.73
N ASN B 243 16.14 -3.48 28.69
CA ASN B 243 15.04 -2.83 27.97
C ASN B 243 15.36 -2.02 26.72
N HIS B 244 16.60 -2.08 26.27
CA HIS B 244 16.96 -1.28 25.10
C HIS B 244 17.77 -2.04 24.08
N ALA B 245 17.24 -3.17 23.65
CA ALA B 245 17.88 -4.01 22.66
C ALA B 245 17.99 -3.21 21.37
N GLY B 246 17.02 -2.31 21.16
CA GLY B 246 17.01 -1.46 19.98
C GLY B 246 16.78 -2.14 18.64
N LEU B 247 16.05 -3.25 18.64
CA LEU B 247 15.79 -4.00 17.42
C LEU B 247 14.44 -3.68 16.79
N SER B 248 13.66 -2.81 17.43
CA SER B 248 12.35 -2.45 16.93
C SER B 248 12.31 -1.15 16.16
N ASN B 249 11.30 -0.99 15.29
CA ASN B 249 11.17 0.21 14.50
C ASN B 249 9.79 0.30 13.84
N GLY B 250 9.60 1.36 13.09
CA GLY B 250 8.34 1.57 12.41
C GLY B 250 8.35 2.93 11.75
N GLY B 251 7.20 3.33 11.24
CA GLY B 251 7.10 4.62 10.58
C GLY B 251 5.72 4.79 10.02
N PHE B 252 5.48 5.97 9.45
CA PHE B 252 4.22 6.33 8.86
C PHE B 252 4.42 7.08 7.54
N VAL B 253 3.54 6.80 6.57
CA VAL B 253 3.56 7.50 5.30
C VAL B 253 2.12 7.98 5.11
N ILE B 254 1.93 9.29 5.21
CA ILE B 254 0.59 9.87 5.10
C ILE B 254 0.39 10.87 3.97
N ARG B 255 -0.65 10.66 3.17
CA ARG B 255 -0.94 11.59 2.08
C ARG B 255 -2.21 12.30 2.45
N SER B 256 -2.06 13.61 2.66
CA SER B 256 -3.19 14.44 3.00
C SER B 256 -3.49 15.25 1.76
N GLY B 257 -4.61 14.93 1.12
CA GLY B 257 -4.97 15.64 -0.07
C GLY B 257 -6.35 16.23 0.08
N ASN B 258 -6.72 17.08 -0.87
CA ASN B 258 -8.02 17.70 -0.83
C ASN B 258 -8.68 17.41 -2.16
N THR B 259 -9.99 17.18 -2.15
CA THR B 259 -10.68 16.92 -3.40
C THR B 259 -10.67 18.26 -4.13
N GLN B 260 -11.58 18.44 -5.07
CA GLN B 260 -11.61 19.68 -5.81
C GLN B 260 -12.46 20.73 -5.07
N GLY B 261 -13.44 20.26 -4.32
CA GLY B 261 -14.30 21.17 -3.57
C GLY B 261 -13.85 21.43 -2.15
N GLY B 262 -12.69 20.87 -1.77
CA GLY B 262 -12.19 21.08 -0.42
C GLY B 262 -12.40 19.91 0.53
N ALA B 263 -12.87 18.79 0.00
CA ALA B 263 -13.08 17.62 0.84
C ALA B 263 -11.72 17.06 1.24
N LYS B 264 -11.58 16.66 2.50
CA LYS B 264 -10.32 16.13 3.00
C LYS B 264 -10.20 14.63 2.78
N GLN B 265 -9.21 14.21 2.00
CA GLN B 265 -9.00 12.80 1.72
C GLN B 265 -7.63 12.42 2.28
N VAL B 266 -7.60 11.43 3.17
CA VAL B 266 -6.33 11.01 3.76
C VAL B 266 -6.04 9.53 3.62
N MET B 267 -4.84 9.23 3.15
CA MET B 267 -4.33 7.88 2.97
C MET B 267 -3.15 7.71 3.93
N GLU B 268 -3.06 6.54 4.54
CA GLU B 268 -1.98 6.28 5.47
C GLU B 268 -1.49 4.84 5.40
N PHE B 269 -0.18 4.69 5.49
CA PHE B 269 0.45 3.37 5.51
C PHE B 269 1.40 3.46 6.68
N ASN B 270 1.43 2.45 7.53
CA ASN B 270 2.36 2.49 8.65
C ASN B 270 2.78 1.09 9.04
N LEU B 271 3.92 1.00 9.71
CA LEU B 271 4.49 -0.26 10.14
C LEU B 271 4.84 -0.22 11.62
N ASN B 272 4.61 -1.32 12.31
CA ASN B 272 4.95 -1.45 13.73
C ASN B 272 5.75 -2.75 13.79
N LEU B 273 7.08 -2.62 13.82
CA LEU B 273 7.94 -3.80 13.80
C LEU B 273 8.70 -4.11 15.07
N GLU B 274 8.39 -5.22 15.72
CA GLU B 274 9.08 -5.61 16.93
C GLU B 274 10.53 -5.94 16.54
N SER B 275 10.69 -6.42 15.31
CA SER B 275 12.00 -6.79 14.80
C SER B 275 12.21 -6.19 13.41
N SER B 276 12.83 -5.02 13.36
CA SER B 276 13.08 -4.33 12.11
C SER B 276 13.83 -5.19 11.10
N ALA B 277 14.93 -5.79 11.52
CA ALA B 277 15.75 -6.61 10.63
C ALA B 277 15.01 -7.80 10.02
N GLU B 278 14.21 -8.49 10.81
CA GLU B 278 13.48 -9.63 10.27
C GLU B 278 12.37 -9.21 9.30
N PHE B 279 11.89 -7.99 9.45
CA PHE B 279 10.86 -7.52 8.55
C PHE B 279 11.51 -7.18 7.22
N THR B 280 12.64 -6.49 7.29
CA THR B 280 13.38 -6.14 6.08
C THR B 280 13.70 -7.44 5.33
N SER B 281 14.08 -8.47 6.09
CA SER B 281 14.40 -9.77 5.52
C SER B 281 13.20 -10.40 4.82
N SER B 282 12.02 -10.29 5.43
CA SER B 282 10.82 -10.86 4.83
C SER B 282 10.51 -10.15 3.52
N VAL B 283 10.72 -8.84 3.51
CA VAL B 283 10.48 -8.06 2.33
C VAL B 283 11.47 -8.52 1.26
N LEU B 284 12.73 -8.67 1.65
CA LEU B 284 13.76 -9.11 0.70
C LEU B 284 13.36 -10.44 0.07
N VAL B 285 12.92 -11.39 0.90
CA VAL B 285 12.53 -12.69 0.40
C VAL B 285 11.35 -12.62 -0.57
N ALA B 286 10.30 -11.88 -0.21
CA ALA B 286 9.14 -11.76 -1.08
C ALA B 286 9.53 -11.21 -2.44
N TYR B 287 10.38 -10.19 -2.44
CA TYR B 287 10.83 -9.58 -3.69
C TYR B 287 11.73 -10.54 -4.49
N SER B 288 12.29 -11.53 -3.82
CA SER B 288 13.13 -12.51 -4.51
C SER B 288 12.23 -13.32 -5.42
N ARG B 289 11.02 -13.59 -4.95
CA ARG B 289 10.06 -14.36 -5.74
C ARG B 289 9.74 -13.57 -7.01
N ALA B 290 9.60 -12.26 -6.87
CA ALA B 290 9.28 -11.39 -8.01
C ALA B 290 10.41 -11.30 -9.01
N ILE B 291 11.65 -11.20 -8.51
CA ILE B 291 12.80 -11.11 -9.40
C ILE B 291 12.99 -12.41 -10.16
N TYR B 292 12.77 -13.52 -9.47
CA TYR B 292 12.88 -14.83 -10.08
C TYR B 292 11.89 -14.88 -11.26
N LYS B 293 10.66 -14.46 -11.00
CA LYS B 293 9.63 -14.46 -12.04
C LYS B 293 10.05 -13.59 -13.21
N LEU B 294 10.47 -12.36 -12.91
CA LEU B 294 10.89 -11.44 -13.95
C LEU B 294 12.13 -11.93 -14.71
N SER B 295 13.03 -12.62 -14.02
CA SER B 295 14.23 -13.12 -14.68
C SER B 295 13.85 -14.16 -15.73
N LYS B 296 12.85 -15.00 -15.41
CA LYS B 296 12.38 -16.02 -16.34
C LYS B 296 11.70 -15.41 -17.57
N GLU B 297 11.05 -14.27 -17.38
CA GLU B 297 10.37 -13.60 -18.48
C GLU B 297 11.42 -12.84 -19.27
N GLY B 298 12.68 -13.10 -18.97
CA GLY B 298 13.77 -12.45 -19.68
C GLY B 298 13.96 -10.97 -19.42
N LYS B 299 13.45 -10.48 -18.30
CA LYS B 299 13.61 -9.07 -17.96
C LYS B 299 15.10 -8.83 -17.66
N LYS B 300 15.69 -7.80 -18.27
CA LYS B 300 17.11 -7.50 -18.06
C LYS B 300 17.32 -6.11 -17.48
N GLY B 301 18.38 -5.95 -16.70
CA GLY B 301 18.67 -4.64 -16.13
C GLY B 301 18.28 -4.48 -14.66
N ALA B 302 18.41 -3.27 -14.15
CA ALA B 302 18.07 -2.97 -12.77
C ALA B 302 16.64 -2.46 -12.66
N VAL B 303 15.99 -2.76 -11.54
CA VAL B 303 14.62 -2.34 -11.28
C VAL B 303 14.48 -1.99 -9.81
N THR B 304 13.46 -1.21 -9.50
CA THR B 304 13.17 -0.81 -8.13
C THR B 304 11.78 -1.37 -7.81
N VAL B 305 11.36 -1.28 -6.55
CA VAL B 305 10.04 -1.77 -6.19
C VAL B 305 8.94 -1.05 -6.99
N LEU B 306 9.25 0.16 -7.43
CA LEU B 306 8.30 0.97 -8.20
C LEU B 306 7.90 0.36 -9.54
N ASP B 307 8.75 -0.50 -10.09
CA ASP B 307 8.50 -1.15 -11.39
C ASP B 307 7.86 -2.53 -11.28
N ILE B 308 7.65 -3.02 -10.06
CA ILE B 308 7.11 -4.37 -9.90
C ILE B 308 5.68 -4.50 -9.40
N PRO B 309 4.80 -5.14 -10.19
CA PRO B 309 3.40 -5.33 -9.83
C PRO B 309 3.36 -6.20 -8.57
N PHE B 310 2.45 -5.90 -7.66
CA PHE B 310 2.36 -6.68 -6.42
C PHE B 310 2.08 -8.16 -6.68
N SER B 311 1.45 -8.47 -7.80
CA SER B 311 1.15 -9.86 -8.13
C SER B 311 2.39 -10.76 -8.12
N TYR B 312 3.54 -10.21 -8.49
CA TYR B 312 4.78 -10.98 -8.51
C TYR B 312 5.32 -11.38 -7.13
N LEU B 313 4.83 -10.72 -6.09
CA LEU B 313 5.28 -11.00 -4.72
C LEU B 313 4.58 -12.21 -4.13
N SER B 314 3.57 -12.71 -4.82
CA SER B 314 2.80 -13.86 -4.33
C SER B 314 3.06 -15.15 -5.11
N PRO B 315 3.03 -16.28 -4.41
CA PRO B 315 3.24 -17.58 -5.06
C PRO B 315 1.94 -18.11 -5.64
N LYS B 316 0.84 -17.39 -5.39
CA LYS B 316 -0.46 -17.81 -5.90
C LYS B 316 -0.62 -17.43 -7.37
N THR B 317 -1.56 -18.08 -8.05
CA THR B 317 -1.79 -17.80 -9.46
C THR B 317 -2.68 -16.57 -9.56
N PRO B 318 -2.67 -15.91 -10.74
CA PRO B 318 -3.48 -14.71 -10.98
C PRO B 318 -4.96 -14.95 -10.67
N GLU B 319 -5.47 -16.11 -11.08
CA GLU B 319 -6.86 -16.45 -10.82
C GLU B 319 -7.18 -16.51 -9.34
N GLU B 320 -6.29 -17.15 -8.58
CA GLU B 320 -6.45 -17.30 -7.13
C GLU B 320 -6.47 -15.95 -6.42
N LEU B 321 -5.63 -15.03 -6.88
CA LEU B 321 -5.58 -13.70 -6.29
C LEU B 321 -6.88 -12.93 -6.52
N ARG B 322 -7.35 -12.93 -7.76
CA ARG B 322 -8.58 -12.24 -8.12
C ARG B 322 -9.81 -12.79 -7.41
N LYS B 323 -9.80 -14.07 -7.08
CA LYS B 323 -10.93 -14.68 -6.39
C LYS B 323 -10.92 -14.46 -4.88
N GLU B 324 -9.73 -14.56 -4.27
CA GLU B 324 -9.60 -14.44 -2.82
C GLU B 324 -9.37 -13.04 -2.26
N LEU B 325 -8.53 -12.26 -2.94
CA LEU B 325 -8.15 -10.92 -2.45
C LEU B 325 -8.65 -9.64 -3.12
N LEU B 326 -9.01 -9.71 -4.39
CA LEU B 326 -9.44 -8.50 -5.08
C LEU B 326 -10.77 -7.97 -4.57
#